data_8U41
#
_entry.id   8U41
#
_cell.length_a   160.129
_cell.length_b   160.129
_cell.length_c   122.312
_cell.angle_alpha   90.000
_cell.angle_beta   90.000
_cell.angle_gamma   120.000
#
_symmetry.space_group_name_H-M   'P 65'
#
loop_
_entity.id
_entity.type
_entity.pdbx_description
1 polymer 'Selenoxide synthase OvsA'
2 non-polymer 'FE (III) ION'
3 non-polymer 'SODIUM ION'
4 non-polymer 'FORMIC ACID'
5 non-polymer HISTIDINE
6 water water
#
_entity_poly.entity_id   1
_entity_poly.type   'polypeptide(L)'
_entity_poly.pdbx_seq_one_letter_code
;MGSSHHHHHHSSGLVPRGSHMNDRESLIQALHHTRDRVKDLVCSLREDQLSVPYHPGVNPPVWEMGHSTFFYEVFVLNWL
DGTPSYDPSMDDLWDSFHMDHEDRWSKTLFPSREDTLAYMDTIIQRMEDRIRNQPLTDEALYLYRYAIYHQNMHVESMTW
CRQTVGYPAPPFAEPKGLTGEGVDQDARGDATIPAGRYLIGLPANRDSDAYATEDFGFDNEKPAFEVDMPEFSISRTLVT
NGEFQKFVEEGGYERPEFWSQGGRKWLEREINLNFGSGEPPLMGRQTHPFHWRKRDGRWYERVFDQWLPLEPGHPVKQIS
YWEAEAFCAWAGRRLPSEYEWEVAALANKPGEERRRYPWGNEMDPAKLDMDQRYMGRVPVTAFPAGESPFGCRQMLGTVW
EWTGNQFMPYDGFSVDMYPFMSTLQFATHKTTKGGGCAASSMLIRGTYRQAYHPDRCDVYTGFRTCALSSQD
;
_entity_poly.pdbx_strand_id   A,B
#
loop_
_chem_comp.id
_chem_comp.type
_chem_comp.name
_chem_comp.formula
FE non-polymer 'FE (III) ION' 'Fe 3'
FMT non-polymer 'FORMIC ACID' 'C H2 O2'
NA non-polymer 'SODIUM ION' 'Na 1'
#
# COMPACT_ATOMS: atom_id res chain seq x y z
N HIS A 20 -33.31 -5.18 9.13
CA HIS A 20 -32.01 -5.20 8.48
C HIS A 20 -31.30 -3.85 8.60
N MET A 21 -30.89 -3.30 7.46
CA MET A 21 -30.23 -1.98 7.43
C MET A 21 -30.70 -1.18 6.22
N ASN A 22 -32.00 -1.23 5.93
CA ASN A 22 -32.58 -0.50 4.81
C ASN A 22 -33.67 0.45 5.26
N ASP A 23 -33.66 0.80 6.55
CA ASP A 23 -34.72 1.56 7.18
C ASP A 23 -34.12 2.82 7.79
N ARG A 24 -34.83 3.94 7.71
CA ARG A 24 -34.41 5.09 8.50
C ARG A 24 -34.31 4.71 9.97
N GLU A 25 -35.31 3.99 10.50
CA GLU A 25 -35.28 3.57 11.89
C GLU A 25 -34.00 2.80 12.22
N SER A 26 -33.68 1.77 11.43
CA SER A 26 -32.49 0.98 11.69
C SER A 26 -31.22 1.82 11.63
N LEU A 27 -31.14 2.73 10.64
CA LEU A 27 -29.99 3.64 10.56
C LEU A 27 -29.94 4.56 11.77
N ILE A 28 -31.07 5.16 12.13
CA ILE A 28 -31.09 6.12 13.24
C ILE A 28 -30.79 5.42 14.56
N GLN A 29 -31.30 4.20 14.75
CA GLN A 29 -30.96 3.43 15.94
C GLN A 29 -29.49 3.05 15.95
N ALA A 30 -28.95 2.65 14.79
CA ALA A 30 -27.52 2.33 14.70
C ALA A 30 -26.66 3.55 14.97
N LEU A 31 -27.08 4.72 14.45
CA LEU A 31 -26.34 5.95 14.70
C LEU A 31 -26.28 6.26 16.19
N HIS A 32 -27.40 6.09 16.89
CA HIS A 32 -27.43 6.39 18.33
C HIS A 32 -26.65 5.34 19.13
N HIS A 33 -26.79 4.07 18.77
CA HIS A 33 -26.01 3.02 19.42
C HIS A 33 -24.52 3.30 19.28
N THR A 34 -24.09 3.72 18.09
CA THR A 34 -22.69 3.99 17.86
C THR A 34 -22.21 5.19 18.68
N ARG A 35 -22.94 6.30 18.60
CA ARG A 35 -22.57 7.50 19.36
C ARG A 35 -22.45 7.21 20.85
N ASP A 36 -23.39 6.42 21.40
CA ASP A 36 -23.31 6.07 22.81
C ASP A 36 -22.10 5.18 23.09
N ARG A 37 -21.80 4.26 22.17
CA ARG A 37 -20.60 3.44 22.31
C ARG A 37 -19.35 4.31 22.41
N VAL A 38 -19.23 5.26 21.49
CA VAL A 38 -18.09 6.18 21.51
C VAL A 38 -18.12 7.01 22.78
N LYS A 39 -19.28 7.59 23.10
CA LYS A 39 -19.41 8.41 24.31
C LYS A 39 -19.04 7.62 25.56
N ASP A 40 -19.57 6.40 25.69
CA ASP A 40 -19.24 5.58 26.84
C ASP A 40 -17.76 5.21 26.87
N LEU A 41 -17.10 5.19 25.71
CA LEU A 41 -15.69 4.83 25.68
C LEU A 41 -14.80 5.98 26.13
N VAL A 42 -15.20 7.21 25.88
CA VAL A 42 -14.36 8.37 26.15
C VAL A 42 -14.68 9.02 27.49
N CYS A 43 -15.97 9.09 27.86
CA CYS A 43 -16.33 9.71 29.12
C CYS A 43 -16.00 8.82 30.31
N SER A 44 -16.05 7.50 30.12
CA SER A 44 -15.71 6.56 31.18
C SER A 44 -14.25 6.69 31.63
N LEU A 45 -13.41 7.36 30.87
CA LEU A 45 -12.01 7.53 31.21
C LEU A 45 -11.83 8.78 32.05
N ARG A 46 -10.81 8.77 32.90
CA ARG A 46 -10.44 9.94 33.67
C ARG A 46 -9.59 10.87 32.83
N GLU A 47 -9.62 12.16 33.18
CA GLU A 47 -8.85 13.16 32.44
C GLU A 47 -7.39 12.75 32.31
N ASP A 48 -6.85 12.10 33.34
CA ASP A 48 -5.48 11.60 33.29
C ASP A 48 -5.31 10.49 32.27
N GLN A 49 -6.39 9.76 31.96
CA GLN A 49 -6.31 8.63 31.06
C GLN A 49 -6.51 9.00 29.60
N LEU A 50 -7.03 10.19 29.31
CA LEU A 50 -7.32 10.57 27.93
C LEU A 50 -6.07 10.61 27.08
N SER A 51 -4.92 10.91 27.67
CA SER A 51 -3.63 10.82 26.98
C SER A 51 -3.08 9.43 27.23
N VAL A 52 -3.27 8.53 26.26
CA VAL A 52 -2.93 7.13 26.42
C VAL A 52 -1.44 6.93 26.14
N PRO A 53 -0.82 5.88 26.67
CA PRO A 53 0.56 5.57 26.31
C PRO A 53 0.69 5.36 24.81
N TYR A 54 1.78 5.87 24.24
CA TYR A 54 1.98 5.70 22.82
C TYR A 54 2.21 4.23 22.49
N HIS A 55 1.62 3.81 21.37
CA HIS A 55 1.78 2.46 20.83
C HIS A 55 1.41 2.53 19.37
N PRO A 56 2.15 1.84 18.48
CA PRO A 56 1.84 1.95 17.04
C PRO A 56 0.39 1.60 16.68
N GLY A 57 -0.31 0.83 17.51
CA GLY A 57 -1.63 0.37 17.16
C GLY A 57 -2.78 1.05 17.90
N VAL A 58 -2.47 2.02 18.75
CA VAL A 58 -3.49 2.72 19.52
C VAL A 58 -3.56 4.17 19.05
N ASN A 59 -4.66 4.82 19.41
CA ASN A 59 -4.88 6.21 19.04
C ASN A 59 -5.53 6.94 20.19
N PRO A 60 -5.23 8.23 20.37
CA PRO A 60 -5.88 9.02 21.42
C PRO A 60 -7.39 8.98 21.28
N PRO A 61 -8.10 8.57 22.33
CA PRO A 61 -9.55 8.32 22.19
C PRO A 61 -10.33 9.55 21.76
N VAL A 62 -9.99 10.74 22.26
CA VAL A 62 -10.68 11.95 21.82
C VAL A 62 -10.49 12.16 20.32
N TRP A 63 -9.32 11.80 19.79
CA TRP A 63 -9.10 11.97 18.36
C TRP A 63 -9.99 11.04 17.55
N GLU A 64 -10.07 9.77 17.95
CA GLU A 64 -10.94 8.83 17.26
C GLU A 64 -12.38 9.32 17.26
N MET A 65 -12.85 9.90 18.37
CA MET A 65 -14.17 10.49 18.40
C MET A 65 -14.29 11.61 17.35
N GLY A 66 -13.34 12.54 17.34
CA GLY A 66 -13.35 13.58 16.33
C GLY A 66 -13.21 13.03 14.93
N HIS A 67 -12.21 12.17 14.72
CA HIS A 67 -11.97 11.62 13.38
C HIS A 67 -13.20 10.86 12.87
N SER A 68 -13.75 9.96 13.70
CA SER A 68 -14.93 9.22 13.28
C SER A 68 -16.13 10.13 13.05
N THR A 69 -16.13 11.32 13.64
CA THR A 69 -17.19 12.29 13.38
C THR A 69 -16.94 13.05 12.09
N PHE A 70 -15.67 13.33 11.77
CA PHE A 70 -15.34 14.06 10.55
C PHE A 70 -15.76 13.29 9.31
N PHE A 71 -15.66 11.95 9.35
CA PHE A 71 -16.08 11.13 8.23
C PHE A 71 -17.52 11.43 7.82
N TYR A 72 -18.40 11.60 8.81
CA TYR A 72 -19.77 12.01 8.53
C TYR A 72 -19.81 13.30 7.72
N GLU A 73 -19.06 14.31 8.17
CA GLU A 73 -19.05 15.59 7.49
C GLU A 73 -18.53 15.46 6.07
N VAL A 74 -17.44 14.71 5.88
CA VAL A 74 -16.82 14.60 4.57
C VAL A 74 -17.71 13.80 3.62
N PHE A 75 -17.97 12.54 3.96
CA PHE A 75 -18.55 11.59 3.02
C PHE A 75 -20.07 11.49 3.11
N VAL A 76 -20.72 12.38 3.87
CA VAL A 76 -22.18 12.44 3.86
C VAL A 76 -22.62 13.89 3.71
N LEU A 77 -22.40 14.69 4.76
CA LEU A 77 -23.00 16.01 4.83
C LEU A 77 -22.48 16.93 3.72
N ASN A 78 -21.16 17.04 3.57
CA ASN A 78 -20.61 17.85 2.50
C ASN A 78 -20.72 17.14 1.15
N TRP A 79 -20.60 15.81 1.16
CA TRP A 79 -20.66 15.03 -0.08
C TRP A 79 -21.99 15.24 -0.80
N LEU A 80 -23.09 15.29 -0.06
CA LEU A 80 -24.43 15.33 -0.64
C LEU A 80 -25.01 16.72 -0.70
N ASP A 81 -24.73 17.58 0.29
CA ASP A 81 -25.34 18.89 0.36
C ASP A 81 -24.35 20.04 0.26
N GLY A 82 -23.05 19.77 0.25
CA GLY A 82 -22.07 20.84 0.25
C GLY A 82 -21.96 21.58 1.56
N THR A 83 -22.63 21.10 2.60
CA THR A 83 -22.62 21.76 3.91
C THR A 83 -21.19 21.97 4.38
N PRO A 84 -20.83 23.18 4.80
CA PRO A 84 -19.48 23.42 5.31
C PRO A 84 -19.21 22.60 6.57
N SER A 85 -17.94 22.61 6.97
CA SER A 85 -17.52 21.88 8.15
C SER A 85 -17.87 22.64 9.41
N TYR A 86 -18.04 21.88 10.50
CA TYR A 86 -18.31 22.45 11.82
C TYR A 86 -17.21 23.43 12.24
N ASP A 87 -15.97 22.95 12.26
CA ASP A 87 -14.79 23.81 12.46
C ASP A 87 -13.81 23.52 11.32
N PRO A 88 -13.85 24.32 10.26
CA PRO A 88 -12.93 24.09 9.12
C PRO A 88 -11.46 24.05 9.50
N SER A 89 -11.11 24.60 10.67
CA SER A 89 -9.71 24.62 11.08
C SER A 89 -9.17 23.22 11.33
N MET A 90 -10.04 22.26 11.65
CA MET A 90 -9.63 20.90 11.98
C MET A 90 -9.77 19.96 10.79
N ASP A 91 -10.13 20.46 9.61
CA ASP A 91 -10.40 19.60 8.46
C ASP A 91 -9.16 18.84 7.99
N ASP A 92 -7.97 19.27 8.41
CA ASP A 92 -6.75 18.53 8.15
C ASP A 92 -6.24 17.79 9.37
N LEU A 93 -6.73 18.14 10.57
CA LEU A 93 -6.28 17.50 11.79
C LEU A 93 -7.12 16.28 12.16
N TRP A 94 -8.32 16.14 11.58
CA TRP A 94 -9.12 14.94 11.74
C TRP A 94 -8.85 13.90 10.67
N ASP A 95 -8.26 14.31 9.54
CA ASP A 95 -8.02 13.38 8.44
C ASP A 95 -6.96 12.35 8.83
N SER A 96 -7.28 11.07 8.63
CA SER A 96 -6.35 10.01 9.01
C SER A 96 -5.16 9.92 8.07
N PHE A 97 -5.36 10.21 6.78
CA PHE A 97 -4.27 10.18 5.82
C PHE A 97 -3.35 11.38 6.01
N HIS A 98 -3.91 12.55 6.27
CA HIS A 98 -3.11 13.77 6.38
C HIS A 98 -2.39 13.83 7.72
N MET A 99 -3.10 13.53 8.80
CA MET A 99 -2.48 13.59 10.12
C MET A 99 -1.66 12.35 10.40
N ASP A 100 -0.50 12.56 11.02
CA ASP A 100 0.41 11.48 11.36
C ASP A 100 0.20 11.04 12.79
N HIS A 101 0.25 9.73 13.00
CA HIS A 101 0.05 9.07 14.29
C HIS A 101 0.60 9.80 15.51
N GLU A 102 1.90 10.13 15.47
CA GLU A 102 2.57 10.69 16.64
C GLU A 102 2.04 12.08 16.94
N ASP A 103 1.60 12.81 15.92
CA ASP A 103 1.11 14.16 16.14
C ASP A 103 -0.32 14.20 16.67
N ARG A 104 -0.97 13.04 16.82
CA ARG A 104 -2.30 12.99 17.41
C ARG A 104 -2.28 13.16 18.91
N TRP A 105 -1.14 12.93 19.55
CA TRP A 105 -0.96 13.13 20.99
C TRP A 105 -0.45 14.55 21.24
N SER A 106 -1.30 15.54 20.96
CA SER A 106 -0.85 16.92 20.98
C SER A 106 -1.31 17.70 22.21
N LYS A 107 -2.62 17.70 22.49
CA LYS A 107 -3.23 18.46 23.59
C LYS A 107 -3.16 19.97 23.38
N THR A 108 -2.49 20.42 22.33
CA THR A 108 -2.53 21.81 21.89
C THR A 108 -3.23 21.99 20.55
N LEU A 109 -3.22 20.97 19.70
CA LEU A 109 -3.81 21.04 18.38
C LEU A 109 -5.27 20.60 18.35
N PHE A 110 -5.73 19.88 19.38
CA PHE A 110 -7.03 19.23 19.31
C PHE A 110 -7.93 19.70 20.44
N PRO A 111 -9.23 19.84 20.18
CA PRO A 111 -10.15 20.36 21.20
C PRO A 111 -10.28 19.41 22.38
N SER A 112 -10.94 19.91 23.43
CA SER A 112 -11.12 19.16 24.65
C SER A 112 -12.16 18.05 24.45
N ARG A 113 -12.09 17.04 25.34
CA ARG A 113 -13.10 15.98 25.32
C ARG A 113 -14.51 16.55 25.40
N GLU A 114 -14.68 17.64 26.15
CA GLU A 114 -15.99 18.27 26.25
C GLU A 114 -16.40 18.91 24.92
N ASP A 115 -15.47 19.65 24.29
CA ASP A 115 -15.79 20.31 23.02
C ASP A 115 -15.92 19.32 21.88
N THR A 116 -15.10 18.26 21.89
CA THR A 116 -15.20 17.25 20.84
C THR A 116 -16.48 16.46 20.95
N LEU A 117 -16.92 16.19 22.18
CA LEU A 117 -18.21 15.54 22.39
C LEU A 117 -19.35 16.35 21.78
N ALA A 118 -19.31 17.67 21.97
CA ALA A 118 -20.32 18.54 21.34
C ALA A 118 -20.26 18.43 19.83
N TYR A 119 -19.05 18.47 19.27
CA TYR A 119 -18.87 18.27 17.84
C TYR A 119 -19.56 16.99 17.37
N MET A 120 -19.32 15.88 18.07
CA MET A 120 -19.96 14.62 17.71
C MET A 120 -21.47 14.73 17.80
N ASP A 121 -21.99 15.15 18.95
CA ASP A 121 -23.44 15.21 19.15
C ASP A 121 -24.11 16.12 18.13
N THR A 122 -23.42 17.19 17.72
CA THR A 122 -23.97 18.08 16.69
C THR A 122 -24.05 17.38 15.34
N ILE A 123 -22.96 16.72 14.94
CA ILE A 123 -22.95 16.04 13.64
C ILE A 123 -23.88 14.83 13.65
N ILE A 124 -23.97 14.13 14.78
CA ILE A 124 -24.92 13.02 14.89
C ILE A 124 -26.34 13.52 14.66
N GLN A 125 -26.68 14.67 15.23
CA GLN A 125 -28.00 15.25 15.00
C GLN A 125 -28.17 15.64 13.53
N ARG A 126 -27.18 16.34 12.98
CA ARG A 126 -27.21 16.69 11.56
C ARG A 126 -27.39 15.45 10.69
N MET A 127 -26.67 14.38 11.02
CA MET A 127 -26.83 13.10 10.34
C MET A 127 -28.28 12.61 10.43
N GLU A 128 -28.79 12.50 11.66
CA GLU A 128 -30.17 12.04 11.86
C GLU A 128 -31.17 12.93 11.15
N ASP A 129 -30.98 14.25 11.23
CA ASP A 129 -31.89 15.18 10.57
C ASP A 129 -31.93 14.94 9.07
N ARG A 130 -30.78 14.67 8.46
CA ARG A 130 -30.75 14.44 7.01
C ARG A 130 -31.40 13.11 6.65
N ILE A 131 -31.03 12.04 7.38
CA ILE A 131 -31.66 10.74 7.19
C ILE A 131 -33.18 10.87 7.21
N ARG A 132 -33.69 11.74 8.07
CA ARG A 132 -35.11 11.89 8.34
C ARG A 132 -35.80 12.84 7.38
N ASN A 133 -35.17 13.98 7.07
CA ASN A 133 -35.81 15.06 6.33
C ASN A 133 -35.28 15.21 4.91
N GLN A 134 -34.54 14.22 4.41
CA GLN A 134 -34.06 14.23 3.03
C GLN A 134 -34.33 12.87 2.41
N PRO A 135 -34.56 12.83 1.09
CA PRO A 135 -34.96 11.57 0.45
C PRO A 135 -33.97 10.44 0.70
N LEU A 136 -34.51 9.23 0.79
CA LEU A 136 -33.71 8.02 1.00
C LEU A 136 -33.28 7.46 -0.35
N THR A 137 -32.40 8.21 -1.02
CA THR A 137 -31.81 7.74 -2.26
C THR A 137 -30.81 6.62 -1.96
N ASP A 138 -30.65 5.72 -2.95
CA ASP A 138 -29.66 4.66 -2.79
C ASP A 138 -28.28 5.22 -2.50
N GLU A 139 -27.97 6.38 -3.10
CA GLU A 139 -26.71 7.06 -2.81
C GLU A 139 -26.59 7.40 -1.33
N ALA A 140 -27.56 8.17 -0.82
CA ALA A 140 -27.54 8.57 0.59
C ALA A 140 -27.47 7.36 1.50
N LEU A 141 -28.22 6.31 1.18
CA LEU A 141 -28.22 5.09 2.00
C LEU A 141 -26.82 4.48 2.05
N TYR A 142 -26.22 4.23 0.88
CA TYR A 142 -24.85 3.72 0.81
C TYR A 142 -23.92 4.56 1.68
N LEU A 143 -24.03 5.88 1.57
CA LEU A 143 -23.15 6.77 2.33
C LEU A 143 -23.51 6.74 3.81
N TYR A 144 -24.81 6.81 4.14
CA TYR A 144 -25.24 6.67 5.52
C TYR A 144 -24.58 5.46 6.18
N ARG A 145 -24.72 4.29 5.55
CA ARG A 145 -24.21 3.06 6.13
C ARG A 145 -22.68 3.07 6.22
N TYR A 146 -22.01 3.48 5.13
CA TYR A 146 -20.56 3.57 5.12
C TYR A 146 -20.04 4.38 6.31
N ALA A 147 -20.64 5.54 6.54
CA ALA A 147 -20.17 6.43 7.61
C ALA A 147 -20.36 5.81 8.99
N ILE A 148 -21.60 5.40 9.30
CA ILE A 148 -21.88 4.74 10.58
C ILE A 148 -20.94 3.57 10.80
N TYR A 149 -20.76 2.74 9.77
CA TYR A 149 -19.83 1.61 9.87
C TYR A 149 -18.43 2.07 10.20
N HIS A 150 -17.97 3.18 9.58
CA HIS A 150 -16.62 3.64 9.82
C HIS A 150 -16.42 4.03 11.27
N GLN A 151 -17.41 4.70 11.87
CA GLN A 151 -17.35 4.99 13.30
C GLN A 151 -17.30 3.71 14.11
N ASN A 152 -18.08 2.69 13.71
CA ASN A 152 -18.05 1.43 14.42
C ASN A 152 -16.72 0.71 14.25
N MET A 153 -16.04 0.92 13.11
CA MET A 153 -14.70 0.39 12.97
C MET A 153 -13.74 1.02 13.97
N HIS A 154 -14.06 2.24 14.43
CA HIS A 154 -13.26 2.89 15.46
C HIS A 154 -13.72 2.54 16.86
N VAL A 155 -14.99 2.15 17.04
CA VAL A 155 -15.41 1.58 18.31
C VAL A 155 -14.53 0.38 18.67
N GLU A 156 -14.20 -0.43 17.66
CA GLU A 156 -13.29 -1.55 17.88
C GLU A 156 -11.89 -1.07 18.23
N SER A 157 -11.38 -0.09 17.47
CA SER A 157 -10.04 0.44 17.74
C SER A 157 -9.95 0.99 19.15
N MET A 158 -10.90 1.82 19.56
CA MET A 158 -10.88 2.39 20.90
C MET A 158 -10.99 1.30 21.95
N THR A 159 -11.76 0.24 21.66
CA THR A 159 -11.87 -0.85 22.62
C THR A 159 -10.55 -1.60 22.77
N TRP A 160 -9.86 -1.89 21.66
CA TRP A 160 -8.60 -2.61 21.79
C TRP A 160 -7.46 -1.70 22.24
N CYS A 161 -7.61 -0.38 22.10
CA CYS A 161 -6.67 0.53 22.73
C CYS A 161 -6.62 0.27 24.24
N ARG A 162 -7.79 0.18 24.86
CA ARG A 162 -7.85 -0.08 26.31
C ARG A 162 -7.13 -1.38 26.66
N GLN A 163 -7.31 -2.43 25.86
CA GLN A 163 -6.63 -3.69 26.14
C GLN A 163 -5.13 -3.53 26.05
N THR A 164 -4.65 -2.86 24.99
CA THR A 164 -3.21 -2.70 24.80
C THR A 164 -2.58 -1.87 25.90
N VAL A 165 -3.18 -0.72 26.22
CA VAL A 165 -2.59 0.16 27.23
C VAL A 165 -2.94 -0.23 28.65
N GLY A 166 -3.82 -1.22 28.83
CA GLY A 166 -4.12 -1.70 30.17
C GLY A 166 -5.16 -0.93 30.92
N TYR A 167 -6.02 -0.17 30.23
CA TYR A 167 -7.09 0.57 30.87
C TYR A 167 -8.23 -0.37 31.27
N PRO A 168 -9.15 0.08 32.12
CA PRO A 168 -10.30 -0.75 32.44
C PRO A 168 -11.12 -1.10 31.21
N ALA A 169 -11.88 -2.19 31.33
CA ALA A 169 -12.73 -2.62 30.23
C ALA A 169 -13.81 -1.56 29.96
N PRO A 170 -14.31 -1.49 28.73
CA PRO A 170 -15.36 -0.53 28.44
C PRO A 170 -16.60 -0.82 29.28
N PRO A 171 -17.38 0.21 29.62
CA PRO A 171 -18.56 -0.02 30.47
C PRO A 171 -19.54 -1.03 29.88
N PHE A 172 -19.76 -0.99 28.57
CA PHE A 172 -20.75 -1.84 27.92
C PHE A 172 -20.27 -3.28 27.75
N ALA A 173 -19.08 -3.63 28.22
CA ALA A 173 -18.48 -4.92 27.94
C ALA A 173 -18.69 -5.89 29.10
N GLU A 174 -18.68 -7.18 28.76
CA GLU A 174 -18.75 -8.27 29.73
C GLU A 174 -17.52 -9.16 29.55
N PRO A 175 -16.34 -8.64 29.85
CA PRO A 175 -15.10 -9.34 29.48
C PRO A 175 -14.93 -10.71 30.11
N LYS A 176 -15.65 -11.01 31.20
CA LYS A 176 -15.54 -12.35 31.80
C LYS A 176 -16.00 -13.43 30.83
N GLY A 177 -16.93 -13.10 29.95
CA GLY A 177 -17.33 -13.98 28.87
C GLY A 177 -18.56 -14.80 29.20
N LEU A 178 -18.84 -15.76 28.31
CA LEU A 178 -19.92 -16.72 28.51
C LEU A 178 -19.48 -17.73 29.56
N THR A 179 -19.60 -17.33 30.82
CA THR A 179 -19.25 -18.24 31.93
C THR A 179 -20.42 -19.21 32.13
N GLY A 180 -21.64 -18.69 32.00
CA GLY A 180 -22.83 -19.53 32.21
C GLY A 180 -22.87 -20.68 31.23
N GLU A 181 -22.86 -20.39 29.94
CA GLU A 181 -22.99 -21.47 28.92
C GLU A 181 -21.61 -22.09 28.76
N GLY A 182 -20.87 -22.26 29.85
CA GLY A 182 -19.56 -22.96 29.75
C GLY A 182 -19.90 -24.36 29.28
N VAL A 183 -19.46 -24.73 28.08
CA VAL A 183 -19.83 -26.06 27.52
C VAL A 183 -18.75 -26.51 26.54
N ASP A 184 -18.88 -27.74 26.04
CA ASP A 184 -17.88 -28.29 25.07
C ASP A 184 -18.54 -29.47 24.35
N GLN A 185 -19.39 -29.20 23.37
CA GLN A 185 -20.11 -30.26 22.69
C GLN A 185 -19.14 -31.12 21.88
N ASP A 186 -19.68 -32.20 21.31
CA ASP A 186 -18.94 -33.05 20.39
C ASP A 186 -18.88 -32.49 18.99
N ALA A 187 -19.29 -31.23 18.80
CA ALA A 187 -19.20 -30.58 17.50
C ALA A 187 -17.76 -30.50 16.99
N ARG A 188 -16.78 -30.57 17.90
CA ARG A 188 -15.37 -30.54 17.54
C ARG A 188 -15.04 -31.56 16.45
N GLY A 189 -14.44 -31.09 15.38
CA GLY A 189 -14.08 -31.94 14.27
C GLY A 189 -13.99 -31.16 12.98
N ASP A 190 -13.31 -31.76 12.01
CA ASP A 190 -13.16 -31.15 10.69
C ASP A 190 -14.36 -31.50 9.81
N ALA A 191 -14.77 -30.54 8.99
CA ALA A 191 -15.84 -30.74 8.02
C ALA A 191 -15.21 -30.82 6.63
N THR A 192 -15.25 -32.00 6.03
CA THR A 192 -14.85 -32.17 4.64
C THR A 192 -15.84 -31.43 3.75
N ILE A 193 -15.33 -30.53 2.91
CA ILE A 193 -16.27 -29.72 2.16
C ILE A 193 -16.32 -30.19 0.72
N PRO A 194 -17.50 -30.26 0.11
CA PRO A 194 -17.60 -30.75 -1.27
C PRO A 194 -16.86 -29.83 -2.24
N ALA A 195 -16.05 -30.44 -3.09
CA ALA A 195 -15.40 -29.70 -4.17
C ALA A 195 -16.45 -29.21 -5.16
N GLY A 196 -16.03 -28.26 -6.00
CA GLY A 196 -16.90 -27.72 -7.02
C GLY A 196 -16.66 -26.25 -7.20
N ARG A 197 -17.58 -25.60 -7.92
CA ARG A 197 -17.49 -24.18 -8.22
C ARG A 197 -18.34 -23.39 -7.24
N TYR A 198 -17.72 -22.43 -6.55
CA TYR A 198 -18.37 -21.60 -5.56
C TYR A 198 -18.20 -20.13 -5.91
N LEU A 199 -19.07 -19.31 -5.34
CA LEU A 199 -19.09 -17.87 -5.60
C LEU A 199 -18.46 -17.13 -4.43
N ILE A 200 -17.52 -16.24 -4.73
CA ILE A 200 -16.80 -15.47 -3.73
C ILE A 200 -17.03 -13.99 -3.99
N GLY A 201 -17.42 -13.27 -2.95
CA GLY A 201 -17.48 -11.81 -2.99
C GLY A 201 -18.85 -11.29 -3.37
N LEU A 202 -18.93 -9.97 -3.38
CA LEU A 202 -20.15 -9.24 -3.67
C LEU A 202 -20.09 -8.59 -5.05
N PRO A 203 -21.24 -8.37 -5.69
CA PRO A 203 -21.23 -7.73 -7.00
C PRO A 203 -20.73 -6.29 -6.90
N ALA A 204 -20.18 -5.80 -8.01
CA ALA A 204 -19.71 -4.44 -8.06
C ALA A 204 -20.88 -3.47 -8.02
N ASN A 205 -20.64 -2.27 -7.48
CA ASN A 205 -21.71 -1.32 -7.26
C ASN A 205 -22.34 -0.84 -8.57
N ARG A 206 -21.56 -0.79 -9.65
CA ARG A 206 -22.13 -0.43 -10.94
C ARG A 206 -22.99 -1.54 -11.51
N ASP A 207 -22.74 -2.80 -11.15
CA ASP A 207 -23.43 -3.95 -11.70
C ASP A 207 -24.62 -4.39 -10.84
N SER A 208 -25.09 -3.51 -9.96
CA SER A 208 -26.20 -3.89 -9.08
C SER A 208 -26.97 -2.65 -8.67
N ASP A 209 -28.30 -2.77 -8.69
CA ASP A 209 -29.19 -1.75 -8.14
C ASP A 209 -29.44 -1.95 -6.67
N ALA A 210 -28.78 -2.93 -6.05
CA ALA A 210 -28.82 -3.15 -4.60
C ALA A 210 -27.48 -2.85 -3.94
N TYR A 211 -26.66 -2.01 -4.58
CA TYR A 211 -25.34 -1.68 -4.03
C TYR A 211 -25.47 -1.02 -2.66
N ALA A 212 -26.60 -0.35 -2.40
CA ALA A 212 -26.85 0.29 -1.12
C ALA A 212 -27.67 -0.57 -0.17
N THR A 213 -28.15 -1.73 -0.64
CA THR A 213 -28.96 -2.59 0.21
C THR A 213 -28.44 -4.01 0.40
N GLU A 214 -28.84 -4.93 -0.49
CA GLU A 214 -28.54 -6.34 -0.29
C GLU A 214 -27.12 -6.62 -0.76
N ASP A 215 -26.51 -5.75 -1.57
CA ASP A 215 -25.18 -5.97 -2.11
C ASP A 215 -24.16 -4.99 -1.55
N PHE A 216 -24.40 -4.47 -0.35
CA PHE A 216 -23.50 -3.50 0.24
C PHE A 216 -22.22 -4.17 0.72
N GLY A 217 -21.09 -3.61 0.32
CA GLY A 217 -19.79 -4.06 0.79
C GLY A 217 -18.73 -3.04 0.42
N PHE A 218 -17.57 -3.19 1.03
CA PHE A 218 -16.46 -2.31 0.74
C PHE A 218 -15.73 -2.79 -0.50
N ASP A 219 -14.81 -1.95 -1.00
CA ASP A 219 -14.16 -2.24 -2.27
C ASP A 219 -13.44 -3.59 -2.25
N ASN A 220 -12.89 -3.97 -1.09
CA ASN A 220 -12.14 -5.21 -1.00
C ASN A 220 -13.01 -6.43 -1.28
N GLU A 221 -14.33 -6.32 -1.08
CA GLU A 221 -15.24 -7.44 -1.30
C GLU A 221 -15.73 -7.54 -2.75
N LYS A 222 -15.32 -6.64 -3.62
CA LYS A 222 -15.79 -6.58 -4.99
C LYS A 222 -14.62 -6.55 -5.94
N PRO A 223 -14.80 -7.02 -7.18
CA PRO A 223 -16.03 -7.58 -7.77
C PRO A 223 -16.15 -9.08 -7.55
N ALA A 224 -17.38 -9.58 -7.49
CA ALA A 224 -17.62 -11.00 -7.21
C ALA A 224 -17.04 -11.87 -8.32
N PHE A 225 -16.76 -13.12 -7.96
CA PHE A 225 -16.16 -14.06 -8.90
C PHE A 225 -16.43 -15.47 -8.42
N GLU A 226 -16.22 -16.43 -9.32
CA GLU A 226 -16.41 -17.85 -9.05
C GLU A 226 -15.07 -18.56 -9.01
N VAL A 227 -15.01 -19.67 -8.28
CA VAL A 227 -13.76 -20.38 -8.03
C VAL A 227 -14.02 -21.87 -8.13
N ASP A 228 -13.17 -22.57 -8.89
CA ASP A 228 -13.15 -24.03 -8.92
C ASP A 228 -12.36 -24.50 -7.71
N MET A 229 -13.06 -24.85 -6.64
CA MET A 229 -12.44 -25.12 -5.35
C MET A 229 -12.23 -26.62 -5.17
N PRO A 230 -11.00 -27.09 -4.99
CA PRO A 230 -10.81 -28.47 -4.55
C PRO A 230 -11.37 -28.67 -3.15
N GLU A 231 -11.74 -29.92 -2.86
CA GLU A 231 -12.30 -30.25 -1.56
C GLU A 231 -11.22 -30.19 -0.48
N PHE A 232 -11.65 -29.83 0.74
CA PHE A 232 -10.71 -29.71 1.88
C PHE A 232 -11.46 -29.94 3.19
N SER A 233 -10.73 -30.10 4.30
CA SER A 233 -11.37 -30.29 5.62
C SER A 233 -10.97 -29.15 6.56
N ILE A 234 -11.94 -28.46 7.17
CA ILE A 234 -11.63 -27.34 8.05
C ILE A 234 -12.26 -27.60 9.41
N SER A 235 -11.51 -27.34 10.47
CA SER A 235 -12.00 -27.55 11.82
C SER A 235 -13.28 -26.75 12.06
N ARG A 236 -14.34 -27.43 12.47
CA ARG A 236 -15.58 -26.75 12.82
C ARG A 236 -15.43 -25.84 14.03
N THR A 237 -14.25 -25.84 14.66
CA THR A 237 -14.02 -25.14 15.91
C THR A 237 -12.72 -24.35 15.82
N LEU A 238 -12.71 -23.20 16.50
CA LEU A 238 -11.49 -22.41 16.58
C LEU A 238 -10.46 -23.11 17.45
N VAL A 239 -9.19 -22.79 17.23
CA VAL A 239 -8.15 -23.30 18.11
C VAL A 239 -8.36 -22.77 19.51
N THR A 240 -8.33 -23.66 20.49
CA THR A 240 -8.61 -23.32 21.87
C THR A 240 -7.32 -22.99 22.62
N ASN A 241 -7.47 -22.30 23.75
CA ASN A 241 -6.33 -21.99 24.60
C ASN A 241 -5.57 -23.25 24.98
N GLY A 242 -6.30 -24.33 25.30
CA GLY A 242 -5.64 -25.56 25.70
C GLY A 242 -4.84 -26.18 24.56
N GLU A 243 -5.43 -26.23 23.37
CA GLU A 243 -4.72 -26.75 22.21
C GLU A 243 -3.44 -25.96 21.96
N PHE A 244 -3.51 -24.63 22.08
CA PHE A 244 -2.32 -23.81 21.90
C PHE A 244 -1.34 -23.98 23.06
N GLN A 245 -1.85 -24.22 24.27
CA GLN A 245 -0.98 -24.45 25.43
C GLN A 245 0.06 -25.51 25.14
N LYS A 246 -0.38 -26.65 24.61
CA LYS A 246 0.54 -27.75 24.32
C LYS A 246 1.70 -27.30 23.43
N PHE A 247 1.38 -26.53 22.38
CA PHE A 247 2.43 -25.98 21.53
C PHE A 247 3.41 -25.13 22.34
N VAL A 248 2.90 -24.34 23.29
CA VAL A 248 3.79 -23.61 24.19
C VAL A 248 4.56 -24.57 25.07
N GLU A 249 3.85 -25.49 25.74
CA GLU A 249 4.50 -26.42 26.65
C GLU A 249 5.56 -27.25 25.95
N GLU A 250 5.29 -27.67 24.71
CA GLU A 250 6.27 -28.45 23.93
C GLU A 250 7.43 -27.59 23.43
N GLY A 251 7.53 -26.33 23.84
CA GLY A 251 8.64 -25.48 23.48
C GLY A 251 8.60 -24.92 22.08
N GLY A 252 7.42 -24.81 21.47
CA GLY A 252 7.34 -24.43 20.08
C GLY A 252 7.98 -23.08 19.77
N TYR A 253 7.82 -22.11 20.68
CA TYR A 253 8.41 -20.80 20.46
C TYR A 253 9.93 -20.84 20.43
N GLU A 254 10.54 -21.91 20.95
CA GLU A 254 11.99 -22.07 20.93
C GLU A 254 12.46 -23.09 19.91
N ARG A 255 11.56 -23.75 19.19
CA ARG A 255 11.92 -24.67 18.13
C ARG A 255 11.86 -23.92 16.80
N PRO A 256 12.99 -23.48 16.26
CA PRO A 256 12.95 -22.57 15.09
C PRO A 256 12.54 -23.25 13.79
N GLU A 257 11.99 -24.46 13.89
CA GLU A 257 11.60 -25.23 12.71
C GLU A 257 10.18 -24.94 12.26
N PHE A 258 9.25 -24.83 13.21
CA PHE A 258 7.86 -24.54 12.86
C PHE A 258 7.63 -23.10 12.44
N TRP A 259 8.62 -22.23 12.59
CA TRP A 259 8.48 -20.83 12.25
C TRP A 259 9.12 -20.53 10.90
N SER A 260 8.51 -19.59 10.18
CA SER A 260 8.96 -19.20 8.86
C SER A 260 10.07 -18.16 8.97
N GLN A 261 10.54 -17.68 7.81
CA GLN A 261 11.57 -16.64 7.81
C GLN A 261 11.11 -15.41 8.58
N GLY A 262 9.94 -14.87 8.23
CA GLY A 262 9.39 -13.76 8.99
C GLY A 262 9.02 -14.16 10.41
N GLY A 263 8.53 -15.40 10.58
CA GLY A 263 8.23 -15.88 11.92
C GLY A 263 9.45 -15.88 12.82
N ARG A 264 10.57 -16.41 12.31
CA ARG A 264 11.80 -16.43 13.10
C ARG A 264 12.32 -15.02 13.37
N LYS A 265 12.14 -14.09 12.41
CA LYS A 265 12.51 -12.70 12.68
C LYS A 265 11.59 -12.09 13.73
N TRP A 266 10.28 -12.35 13.60
CA TRP A 266 9.32 -11.94 14.62
C TRP A 266 9.65 -12.57 15.97
N LEU A 267 10.22 -13.78 15.97
CA LEU A 267 10.59 -14.41 17.23
C LEU A 267 11.77 -13.69 17.88
N GLU A 268 12.66 -13.10 17.08
CA GLU A 268 13.85 -12.44 17.60
C GLU A 268 13.59 -11.00 18.03
N ARG A 269 12.36 -10.49 17.89
CA ARG A 269 12.05 -9.15 18.37
C ARG A 269 12.30 -9.03 19.86
N GLU A 270 12.73 -7.85 20.28
CA GLU A 270 12.84 -7.50 21.70
C GLU A 270 11.83 -6.40 21.97
N ILE A 271 10.79 -6.74 22.74
CA ILE A 271 9.66 -5.85 23.01
C ILE A 271 9.47 -5.78 24.52
N ASN A 272 8.75 -4.76 24.96
CA ASN A 272 8.37 -4.68 26.36
C ASN A 272 7.25 -5.67 26.61
N LEU A 273 7.59 -6.84 27.14
CA LEU A 273 6.61 -7.88 27.40
C LEU A 273 5.66 -7.46 28.52
N ASN A 274 5.90 -6.29 29.11
CA ASN A 274 5.08 -5.77 30.19
C ASN A 274 4.21 -4.59 29.76
N PHE A 275 4.05 -4.37 28.46
CA PHE A 275 3.17 -3.30 28.01
C PHE A 275 1.72 -3.66 28.32
N GLY A 276 0.98 -2.70 28.87
CA GLY A 276 -0.37 -2.95 29.29
C GLY A 276 -0.44 -3.22 30.78
N SER A 277 0.39 -4.13 31.26
CA SER A 277 0.57 -4.29 32.70
C SER A 277 1.12 -2.99 33.28
N GLY A 278 0.61 -2.60 34.44
CA GLY A 278 1.08 -1.40 35.09
C GLY A 278 2.47 -1.52 35.68
N GLU A 279 3.19 -2.62 35.32
CA GLU A 279 4.51 -2.99 35.78
C GLU A 279 5.58 -2.36 34.89
N PRO A 280 6.74 -2.03 35.47
CA PRO A 280 7.82 -1.38 34.72
C PRO A 280 8.19 -2.15 33.47
N PRO A 281 8.77 -1.48 32.47
CA PRO A 281 9.07 -2.16 31.20
C PRO A 281 10.03 -3.33 31.40
N LEU A 282 9.76 -4.41 30.67
CA LEU A 282 10.58 -5.63 30.70
C LEU A 282 10.83 -6.01 29.25
N MET A 283 12.07 -5.83 28.79
CA MET A 283 12.41 -6.06 27.40
C MET A 283 12.93 -7.48 27.20
N GLY A 284 12.32 -8.18 26.25
CA GLY A 284 12.74 -9.53 25.94
C GLY A 284 11.98 -10.07 24.74
N ARG A 285 12.26 -11.32 24.42
CA ARG A 285 11.65 -12.00 23.30
C ARG A 285 10.39 -12.73 23.74
N GLN A 286 9.45 -12.88 22.81
CA GLN A 286 8.18 -13.54 23.11
C GLN A 286 8.35 -15.04 23.16
N THR A 287 7.85 -15.65 24.23
CA THR A 287 7.88 -17.09 24.41
C THR A 287 6.49 -17.70 24.52
N HIS A 288 5.45 -16.87 24.60
CA HIS A 288 4.07 -17.31 24.65
C HIS A 288 3.22 -16.17 24.12
N PRO A 289 1.93 -16.40 23.86
CA PRO A 289 1.05 -15.27 23.48
C PRO A 289 1.24 -14.09 24.41
N PHE A 290 1.40 -12.91 23.81
CA PHE A 290 1.86 -11.73 24.55
C PHE A 290 1.04 -11.48 25.80
N HIS A 291 -0.26 -11.72 25.74
CA HIS A 291 -1.15 -11.44 26.85
C HIS A 291 -1.30 -12.60 27.81
N TRP A 292 -0.53 -13.68 27.62
CA TRP A 292 -0.50 -14.80 28.55
C TRP A 292 0.62 -14.61 29.57
N ARG A 293 0.45 -15.27 30.72
CA ARG A 293 1.47 -15.26 31.76
C ARG A 293 1.20 -16.41 32.72
N LYS A 294 2.21 -17.24 32.96
CA LYS A 294 2.06 -18.36 33.89
C LYS A 294 2.32 -17.87 35.30
N ARG A 295 1.36 -18.12 36.18
CA ARG A 295 1.39 -17.73 37.58
C ARG A 295 1.31 -18.98 38.44
N ASP A 296 2.36 -19.25 39.21
CA ASP A 296 2.44 -20.42 40.08
C ASP A 296 1.98 -21.68 39.35
N GLY A 297 2.41 -21.83 38.10
CA GLY A 297 2.09 -22.99 37.29
C GLY A 297 0.80 -22.91 36.51
N ARG A 298 -0.07 -21.94 36.80
CA ARG A 298 -1.35 -21.79 36.12
C ARG A 298 -1.27 -20.66 35.10
N TRP A 299 -1.79 -20.92 33.90
CA TRP A 299 -1.77 -19.93 32.82
C TRP A 299 -2.84 -18.87 33.05
N TYR A 300 -2.43 -17.59 32.94
CA TYR A 300 -3.33 -16.47 33.13
C TYR A 300 -3.29 -15.56 31.90
N GLU A 301 -4.29 -14.70 31.80
CA GLU A 301 -4.49 -13.85 30.62
C GLU A 301 -4.98 -12.47 31.06
N ARG A 302 -4.29 -11.43 30.60
CA ARG A 302 -4.70 -10.07 30.96
C ARG A 302 -5.98 -9.70 30.21
N VAL A 303 -7.01 -9.37 30.96
CA VAL A 303 -8.29 -8.93 30.40
C VAL A 303 -8.47 -7.49 30.84
N PHE A 304 -7.93 -6.57 30.04
CA PHE A 304 -7.92 -5.13 30.33
C PHE A 304 -7.16 -4.99 31.64
N ASP A 305 -7.80 -4.47 32.69
CA ASP A 305 -7.11 -4.23 33.96
C ASP A 305 -6.98 -5.38 34.93
N GLN A 306 -7.40 -6.59 34.53
CA GLN A 306 -7.37 -7.76 35.40
C GLN A 306 -6.68 -8.92 34.69
N TRP A 307 -6.10 -9.81 35.49
CA TRP A 307 -5.42 -11.01 34.99
C TRP A 307 -6.31 -12.21 35.31
N LEU A 308 -7.18 -12.56 34.38
CA LEU A 308 -8.11 -13.64 34.65
C LEU A 308 -7.53 -14.99 34.23
N PRO A 309 -8.00 -16.08 34.82
CA PRO A 309 -7.47 -17.40 34.47
C PRO A 309 -7.81 -17.78 33.03
N LEU A 310 -6.84 -18.40 32.37
CA LEU A 310 -6.97 -18.83 30.97
C LEU A 310 -7.83 -20.09 30.92
N GLU A 311 -9.10 -19.93 30.56
CA GLU A 311 -9.97 -21.08 30.42
C GLU A 311 -9.58 -21.89 29.19
N PRO A 312 -9.65 -23.23 29.26
CA PRO A 312 -9.06 -24.06 28.20
C PRO A 312 -9.90 -24.16 26.94
N GLY A 313 -11.23 -24.15 27.07
CA GLY A 313 -12.12 -24.24 25.94
C GLY A 313 -12.38 -22.94 25.23
N HIS A 314 -11.74 -21.87 25.65
CA HIS A 314 -11.89 -20.57 25.03
C HIS A 314 -10.90 -20.42 23.89
N PRO A 315 -11.22 -19.58 22.90
CA PRO A 315 -10.33 -19.46 21.74
C PRO A 315 -9.05 -18.73 22.12
N VAL A 316 -7.94 -19.16 21.53
CA VAL A 316 -6.70 -18.40 21.64
C VAL A 316 -6.85 -17.12 20.83
N LYS A 317 -6.57 -15.99 21.45
CA LYS A 317 -6.82 -14.70 20.85
C LYS A 317 -5.59 -13.80 20.99
N GLN A 318 -5.58 -12.72 20.21
CA GLN A 318 -4.51 -11.73 20.21
C GLN A 318 -3.15 -12.40 19.98
N ILE A 319 -3.08 -13.20 18.92
CA ILE A 319 -1.87 -13.89 18.52
C ILE A 319 -1.54 -13.51 17.08
N SER A 320 -0.27 -13.64 16.74
CA SER A 320 0.22 -13.23 15.44
C SER A 320 -0.07 -14.31 14.40
N TYR A 321 0.08 -13.92 13.13
CA TYR A 321 -0.01 -14.90 12.05
C TYR A 321 1.09 -15.94 12.17
N TRP A 322 2.28 -15.52 12.61
CA TRP A 322 3.39 -16.46 12.77
C TRP A 322 3.13 -17.45 13.89
N GLU A 323 2.62 -16.97 15.02
CA GLU A 323 2.23 -17.87 16.11
C GLU A 323 1.26 -18.93 15.60
N ALA A 324 0.27 -18.52 14.80
CA ALA A 324 -0.65 -19.47 14.19
C ALA A 324 0.08 -20.37 13.20
N GLU A 325 0.91 -19.78 12.33
CA GLU A 325 1.66 -20.56 11.34
C GLU A 325 2.46 -21.67 12.00
N ALA A 326 3.21 -21.33 13.06
CA ALA A 326 4.01 -22.32 13.77
C ALA A 326 3.13 -23.43 14.35
N PHE A 327 2.04 -23.05 15.01
CA PHE A 327 1.11 -24.04 15.56
C PHE A 327 0.61 -24.99 14.49
N CYS A 328 0.25 -24.44 13.32
CA CYS A 328 -0.24 -25.28 12.23
C CYS A 328 0.81 -26.29 11.79
N ALA A 329 2.08 -25.86 11.74
CA ALA A 329 3.15 -26.78 11.37
C ALA A 329 3.38 -27.83 12.46
N TRP A 330 3.43 -27.38 13.72
CA TRP A 330 3.63 -28.29 14.84
C TRP A 330 2.46 -29.26 15.00
N ALA A 331 1.30 -28.94 14.43
CA ALA A 331 0.12 -29.79 14.51
C ALA A 331 -0.17 -30.55 13.22
N GLY A 332 0.68 -30.41 12.19
CA GLY A 332 0.41 -31.05 10.92
C GLY A 332 -0.86 -30.59 10.27
N ARG A 333 -1.27 -29.36 10.54
CA ARG A 333 -2.46 -28.75 9.94
C ARG A 333 -2.04 -27.51 9.15
N ARG A 334 -3.02 -26.84 8.55
CA ARG A 334 -2.73 -25.73 7.67
C ARG A 334 -3.74 -24.62 7.91
N LEU A 335 -3.36 -23.41 7.51
CA LEU A 335 -4.29 -22.30 7.58
C LEU A 335 -5.16 -22.28 6.32
N PRO A 336 -6.43 -21.96 6.44
CA PRO A 336 -7.28 -21.89 5.24
C PRO A 336 -6.94 -20.67 4.39
N SER A 337 -7.39 -20.71 3.15
CA SER A 337 -7.35 -19.50 2.35
C SER A 337 -8.64 -18.72 2.57
N GLU A 338 -8.60 -17.43 2.24
CA GLU A 338 -9.77 -16.60 2.48
C GLU A 338 -10.95 -17.03 1.61
N TYR A 339 -10.68 -17.60 0.43
CA TYR A 339 -11.74 -18.17 -0.40
C TYR A 339 -12.22 -19.50 0.20
N GLU A 340 -11.27 -20.33 0.61
CA GLU A 340 -11.60 -21.54 1.36
C GLU A 340 -12.48 -21.19 2.55
N TRP A 341 -12.15 -20.09 3.23
CA TRP A 341 -12.92 -19.65 4.40
C TRP A 341 -14.35 -19.29 4.02
N GLU A 342 -14.52 -18.51 2.95
CA GLU A 342 -15.84 -18.01 2.61
C GLU A 342 -16.77 -19.13 2.16
N VAL A 343 -16.25 -20.11 1.41
CA VAL A 343 -17.09 -21.22 0.98
C VAL A 343 -17.51 -22.06 2.18
N ALA A 344 -16.61 -22.21 3.18
CA ALA A 344 -16.96 -22.95 4.38
C ALA A 344 -17.87 -22.17 5.31
N ALA A 345 -18.06 -20.87 5.06
CA ALA A 345 -18.91 -20.02 5.89
C ALA A 345 -20.31 -19.84 5.29
N LEU A 346 -20.38 -19.52 4.00
CA LEU A 346 -21.65 -19.22 3.35
C LEU A 346 -22.07 -20.26 2.32
N ALA A 347 -21.11 -21.03 1.78
CA ALA A 347 -21.41 -22.07 0.78
C ALA A 347 -22.26 -21.53 -0.35
N ASN A 348 -21.98 -20.30 -0.75
CA ASN A 348 -22.70 -19.68 -1.86
C ASN A 348 -22.15 -20.21 -3.17
N LYS A 349 -23.04 -20.76 -3.99
CA LYS A 349 -22.65 -21.35 -5.26
C LYS A 349 -23.25 -20.55 -6.41
N PRO A 350 -22.51 -20.33 -7.49
CA PRO A 350 -23.01 -19.51 -8.60
C PRO A 350 -24.34 -20.05 -9.12
N GLY A 351 -25.32 -19.15 -9.20
CA GLY A 351 -26.66 -19.49 -9.63
C GLY A 351 -27.60 -19.90 -8.52
N GLU A 352 -27.09 -20.24 -7.35
CA GLU A 352 -27.91 -20.56 -6.20
C GLU A 352 -28.18 -19.32 -5.37
N GLU A 353 -29.11 -19.44 -4.42
CA GLU A 353 -29.36 -18.36 -3.48
C GLU A 353 -28.19 -18.21 -2.52
N ARG A 354 -27.79 -16.97 -2.27
CA ARG A 354 -26.60 -16.67 -1.47
C ARG A 354 -27.00 -16.08 -0.12
N ARG A 355 -26.07 -16.19 0.83
CA ARG A 355 -26.25 -15.71 2.19
C ARG A 355 -25.03 -14.91 2.60
N ARG A 356 -25.26 -13.78 3.28
CA ARG A 356 -24.16 -12.97 3.80
C ARG A 356 -23.66 -13.49 5.14
N TYR A 357 -24.50 -14.21 5.88
CA TYR A 357 -24.18 -14.79 7.16
C TYR A 357 -24.27 -16.31 7.07
N PRO A 358 -23.47 -17.05 7.83
CA PRO A 358 -23.55 -18.52 7.78
C PRO A 358 -24.93 -19.06 8.11
N TRP A 359 -25.75 -18.29 8.82
CA TRP A 359 -27.10 -18.74 9.14
C TRP A 359 -28.15 -18.25 8.14
N GLY A 360 -27.81 -17.25 7.33
CA GLY A 360 -28.76 -16.73 6.36
C GLY A 360 -28.43 -15.31 5.92
N ASN A 361 -29.45 -14.46 5.81
CA ASN A 361 -29.25 -13.08 5.41
C ASN A 361 -29.87 -12.08 6.38
N GLU A 362 -30.49 -12.55 7.46
CA GLU A 362 -30.97 -11.69 8.53
C GLU A 362 -29.98 -11.77 9.70
N MET A 363 -29.70 -10.62 10.30
CA MET A 363 -28.67 -10.52 11.33
C MET A 363 -29.32 -10.56 12.70
N ASP A 364 -28.87 -11.50 13.53
CA ASP A 364 -29.28 -11.58 14.93
C ASP A 364 -28.04 -11.42 15.78
N PRO A 365 -27.89 -10.29 16.51
CA PRO A 365 -26.69 -10.08 17.33
C PRO A 365 -26.44 -11.19 18.36
N ALA A 366 -27.42 -12.06 18.56
CA ALA A 366 -27.32 -13.13 19.53
C ALA A 366 -26.65 -14.39 19.00
N LYS A 367 -26.38 -14.47 17.70
CA LYS A 367 -25.82 -15.67 17.09
C LYS A 367 -24.30 -15.60 16.95
N LEU A 368 -23.63 -14.67 17.63
CA LEU A 368 -22.20 -14.46 17.43
C LEU A 368 -21.67 -13.61 18.58
N ASP A 369 -20.37 -13.76 18.86
CA ASP A 369 -19.71 -12.95 19.89
C ASP A 369 -19.15 -11.71 19.23
N MET A 370 -19.98 -10.67 19.15
CA MET A 370 -19.53 -9.39 18.63
C MET A 370 -20.26 -8.30 19.41
N ASP A 371 -20.18 -7.06 18.90
CA ASP A 371 -20.80 -5.90 19.52
C ASP A 371 -20.22 -5.59 20.90
N GLN A 372 -18.94 -5.93 21.10
CA GLN A 372 -18.17 -5.51 22.28
C GLN A 372 -18.81 -6.00 23.58
N ARG A 373 -18.86 -7.31 23.74
CA ARG A 373 -19.51 -7.87 24.92
C ARG A 373 -18.77 -8.99 25.66
N TYR A 374 -18.75 -10.19 25.08
CA TYR A 374 -18.14 -11.33 25.76
C TYR A 374 -16.65 -11.30 25.53
N MET A 375 -16.18 -10.51 24.55
CA MET A 375 -14.76 -10.23 24.38
C MET A 375 -13.95 -11.51 24.14
N GLY A 376 -14.50 -12.42 23.34
CA GLY A 376 -13.81 -13.63 22.95
C GLY A 376 -13.73 -14.70 24.01
N ARG A 377 -14.14 -14.43 25.25
CA ARG A 377 -14.18 -15.46 26.28
C ARG A 377 -15.50 -16.25 26.21
N VAL A 378 -15.69 -16.89 25.06
CA VAL A 378 -16.90 -17.71 24.85
C VAL A 378 -16.43 -19.14 24.57
N PRO A 379 -17.19 -20.18 24.97
CA PRO A 379 -16.80 -21.54 24.63
C PRO A 379 -16.75 -21.62 23.11
N VAL A 380 -15.66 -22.19 22.58
CA VAL A 380 -15.49 -22.24 21.09
C VAL A 380 -16.73 -22.90 20.48
N THR A 381 -17.30 -23.90 21.16
CA THR A 381 -18.46 -24.64 20.61
C THR A 381 -19.78 -23.99 21.02
N ALA A 382 -19.79 -22.66 21.23
CA ALA A 382 -21.05 -21.96 21.57
C ALA A 382 -21.68 -21.39 20.30
N PHE A 383 -22.70 -20.54 20.46
CA PHE A 383 -23.42 -19.94 19.30
C PHE A 383 -23.66 -21.00 18.22
N PRO A 384 -24.47 -22.06 18.47
CA PRO A 384 -24.79 -23.06 17.43
C PRO A 384 -25.73 -22.53 16.38
N ALA A 385 -26.53 -21.51 16.70
CA ALA A 385 -27.42 -20.93 15.71
C ALA A 385 -26.65 -20.27 14.58
N GLY A 386 -25.44 -19.79 14.85
CA GLY A 386 -24.62 -19.18 13.83
C GLY A 386 -23.74 -20.18 13.11
N GLU A 387 -24.12 -21.45 13.18
CA GLU A 387 -23.39 -22.49 12.48
C GLU A 387 -23.45 -22.28 10.98
N SER A 388 -22.39 -22.69 10.29
CA SER A 388 -22.38 -22.58 8.85
C SER A 388 -23.09 -23.79 8.24
N PRO A 389 -23.41 -23.73 6.94
CA PRO A 389 -23.98 -24.91 6.27
C PRO A 389 -23.17 -26.18 6.48
N PHE A 390 -21.87 -26.06 6.71
CA PHE A 390 -20.99 -27.21 6.84
C PHE A 390 -20.69 -27.54 8.30
N GLY A 391 -21.41 -26.90 9.24
CA GLY A 391 -21.22 -27.17 10.64
C GLY A 391 -20.16 -26.36 11.34
N CYS A 392 -19.33 -25.62 10.60
CA CYS A 392 -18.33 -24.77 11.24
C CYS A 392 -19.05 -23.73 12.08
N ARG A 393 -18.59 -23.64 13.33
CA ARG A 393 -19.27 -22.74 14.28
C ARG A 393 -18.41 -21.53 14.61
N GLN A 394 -19.07 -20.44 15.00
CA GLN A 394 -18.40 -19.22 15.44
C GLN A 394 -17.41 -18.71 14.39
N MET A 395 -17.79 -18.87 13.12
CA MET A 395 -16.93 -18.35 12.02
C MET A 395 -17.07 -16.83 11.97
N LEU A 396 -18.25 -16.34 11.59
CA LEU A 396 -18.50 -14.87 11.53
C LEU A 396 -18.49 -14.29 12.95
N GLY A 397 -17.33 -13.85 13.44
CA GLY A 397 -17.28 -13.20 14.77
C GLY A 397 -16.21 -13.78 15.68
N THR A 398 -16.34 -13.56 16.99
CA THR A 398 -15.35 -14.05 17.99
C THR A 398 -13.99 -13.38 17.75
N VAL A 399 -13.17 -13.92 16.84
CA VAL A 399 -11.81 -13.37 16.62
C VAL A 399 -11.50 -13.31 15.12
N TRP A 400 -10.91 -12.22 14.65
CA TRP A 400 -10.51 -12.12 13.22
C TRP A 400 -9.64 -13.32 12.86
N GLU A 401 -10.14 -14.20 12.00
CA GLU A 401 -9.41 -15.43 11.71
C GLU A 401 -8.36 -15.19 10.65
N TRP A 402 -7.10 -15.48 10.99
CA TRP A 402 -5.99 -15.37 10.05
C TRP A 402 -6.22 -16.31 8.86
N THR A 403 -5.94 -15.80 7.67
CA THR A 403 -5.87 -16.62 6.46
C THR A 403 -4.45 -16.57 5.91
N GLY A 404 -4.15 -17.51 5.01
CA GLY A 404 -2.83 -17.58 4.41
C GLY A 404 -2.61 -16.61 3.29
N ASN A 405 -3.67 -16.11 2.66
CA ASN A 405 -3.53 -15.18 1.56
C ASN A 405 -3.13 -13.80 2.08
N GLN A 406 -2.43 -13.06 1.24
CA GLN A 406 -2.12 -11.67 1.51
C GLN A 406 -3.24 -10.79 0.99
N PHE A 407 -3.57 -9.74 1.74
CA PHE A 407 -4.62 -8.82 1.35
C PHE A 407 -4.19 -8.33 -0.04
N MET A 408 -5.01 -8.60 -1.04
CA MET A 408 -4.73 -8.23 -2.42
C MET A 408 -6.08 -7.90 -3.05
N PRO A 409 -6.09 -7.02 -4.05
CA PRO A 409 -7.37 -6.65 -4.67
C PRO A 409 -7.93 -7.78 -5.51
N TYR A 410 -9.23 -8.01 -5.36
CA TYR A 410 -9.95 -8.87 -6.28
C TYR A 410 -9.79 -8.33 -7.69
N ASP A 411 -9.55 -9.23 -8.64
CA ASP A 411 -9.39 -8.81 -10.03
C ASP A 411 -10.65 -8.11 -10.52
N GLY A 412 -10.48 -6.87 -10.97
CA GLY A 412 -11.60 -5.98 -11.24
C GLY A 412 -11.85 -4.95 -10.17
N PHE A 413 -10.88 -4.70 -9.30
CA PHE A 413 -11.06 -3.82 -8.15
C PHE A 413 -11.40 -2.40 -8.58
N SER A 414 -12.25 -1.74 -7.79
CA SER A 414 -12.61 -0.35 -8.01
C SER A 414 -12.69 0.33 -6.66
N VAL A 415 -11.83 1.34 -6.46
CA VAL A 415 -11.81 2.06 -5.19
C VAL A 415 -13.18 2.63 -4.89
N ASP A 416 -13.50 2.73 -3.60
CA ASP A 416 -14.75 3.34 -3.19
C ASP A 416 -14.58 4.86 -3.15
N MET A 417 -15.66 5.56 -2.86
CA MET A 417 -15.59 7.02 -2.73
C MET A 417 -14.56 7.41 -1.68
N TYR A 418 -14.42 6.60 -0.63
CA TYR A 418 -13.28 6.65 0.27
C TYR A 418 -12.21 5.74 -0.33
N PRO A 419 -11.23 6.30 -1.04
CA PRO A 419 -10.31 5.46 -1.82
C PRO A 419 -9.19 4.84 -1.00
N PHE A 420 -9.10 5.13 0.30
CA PHE A 420 -8.06 4.60 1.16
C PHE A 420 -8.54 3.43 2.00
N MET A 421 -9.75 2.93 1.74
CA MET A 421 -10.31 1.84 2.53
C MET A 421 -9.42 0.60 2.47
N SER A 422 -8.83 0.33 1.31
CA SER A 422 -8.03 -0.86 1.10
C SER A 422 -6.67 -0.60 0.47
N THR A 423 -6.49 0.53 -0.21
CA THR A 423 -5.30 0.75 -1.03
C THR A 423 -4.02 0.88 -0.20
N LEU A 424 -4.13 1.17 1.09
CA LEU A 424 -2.97 1.34 1.94
C LEU A 424 -2.52 0.06 2.62
N GLN A 425 -3.26 -1.04 2.45
CA GLN A 425 -3.03 -2.26 3.22
C GLN A 425 -2.80 -3.48 2.34
N PHE A 426 -2.54 -3.29 1.04
CA PHE A 426 -2.35 -4.42 0.15
C PHE A 426 -0.95 -5.01 0.30
N ALA A 427 -0.87 -6.32 0.08
CA ALA A 427 0.40 -7.06 0.04
C ALA A 427 1.10 -7.11 1.39
N THR A 428 1.31 -5.95 2.02
CA THR A 428 1.94 -5.92 3.33
C THR A 428 1.13 -6.70 4.36
N HIS A 429 -0.19 -6.56 4.31
CA HIS A 429 -1.08 -7.15 5.30
C HIS A 429 -1.56 -8.52 4.83
N LYS A 430 -2.10 -9.28 5.79
CA LYS A 430 -2.76 -10.54 5.50
C LYS A 430 -4.26 -10.39 5.69
N THR A 431 -5.01 -11.17 4.91
CA THR A 431 -6.47 -11.13 4.98
C THR A 431 -6.95 -11.90 6.20
N THR A 432 -7.70 -11.24 7.08
CA THR A 432 -8.44 -11.92 8.13
C THR A 432 -9.92 -11.83 7.83
N LYS A 433 -10.67 -12.86 8.23
CA LYS A 433 -12.09 -12.96 7.97
C LYS A 433 -12.83 -13.31 9.25
N GLY A 434 -14.12 -13.00 9.27
CA GLY A 434 -14.97 -13.39 10.38
C GLY A 434 -15.47 -12.16 11.12
N GLY A 435 -14.65 -11.56 11.95
CA GLY A 435 -15.18 -10.47 12.74
C GLY A 435 -14.59 -10.73 14.10
N GLY A 436 -14.63 -9.72 14.96
CA GLY A 436 -14.00 -9.80 16.24
C GLY A 436 -14.97 -9.43 17.34
N CYS A 437 -14.64 -9.89 18.55
CA CYS A 437 -15.46 -9.57 19.71
C CYS A 437 -15.66 -8.07 19.83
N ALA A 438 -14.65 -7.29 19.47
CA ALA A 438 -14.71 -5.83 19.55
C ALA A 438 -15.33 -5.18 18.32
N ALA A 439 -15.50 -5.92 17.22
CA ALA A 439 -16.17 -5.37 16.05
C ALA A 439 -17.68 -5.46 16.23
N SER A 440 -18.40 -4.59 15.51
CA SER A 440 -19.84 -4.49 15.62
C SER A 440 -20.52 -5.35 14.55
N SER A 441 -21.74 -5.80 14.86
CA SER A 441 -22.42 -6.77 14.01
C SER A 441 -23.08 -6.16 12.79
N MET A 442 -23.43 -4.88 12.83
CA MET A 442 -24.11 -4.26 11.70
C MET A 442 -23.23 -4.23 10.45
N LEU A 443 -21.91 -4.33 10.60
CA LEU A 443 -21.00 -4.22 9.46
C LEU A 443 -20.43 -5.55 9.01
N ILE A 444 -20.74 -6.64 9.69
CA ILE A 444 -20.08 -7.91 9.43
C ILE A 444 -20.79 -8.65 8.31
N ARG A 445 -20.00 -9.45 7.59
CA ARG A 445 -20.45 -10.26 6.47
C ARG A 445 -19.43 -11.36 6.27
N GLY A 446 -19.88 -12.48 5.70
CA GLY A 446 -18.94 -13.52 5.31
C GLY A 446 -17.95 -13.03 4.27
N THR A 447 -18.41 -12.17 3.36
CA THR A 447 -17.54 -11.60 2.32
C THR A 447 -16.53 -10.61 2.89
N TYR A 448 -16.80 -10.03 4.06
CA TYR A 448 -15.94 -9.02 4.65
C TYR A 448 -14.49 -9.45 4.67
N ARG A 449 -13.59 -8.51 4.41
CA ARG A 449 -12.15 -8.72 4.49
C ARG A 449 -11.54 -7.64 5.35
N GLN A 450 -10.78 -8.05 6.36
CA GLN A 450 -10.07 -7.12 7.24
C GLN A 450 -8.58 -7.45 7.16
N ALA A 451 -7.80 -6.46 6.75
CA ALA A 451 -6.35 -6.61 6.66
C ALA A 451 -5.70 -6.32 8.00
N TYR A 452 -4.76 -7.18 8.39
CA TYR A 452 -3.91 -6.94 9.54
C TYR A 452 -2.49 -7.36 9.17
N HIS A 453 -1.51 -6.64 9.70
CA HIS A 453 -0.13 -7.02 9.50
C HIS A 453 0.17 -8.30 10.28
N PRO A 454 0.85 -9.28 9.69
CA PRO A 454 1.04 -10.56 10.38
C PRO A 454 1.86 -10.47 11.66
N ASP A 455 2.51 -9.35 11.92
CA ASP A 455 3.29 -9.17 13.14
C ASP A 455 2.44 -8.74 14.34
N ARG A 456 1.15 -8.45 14.12
CA ARG A 456 0.35 -7.79 15.15
C ARG A 456 -0.16 -8.79 16.18
N CYS A 457 0.01 -8.44 17.46
CA CYS A 457 -0.59 -9.17 18.57
C CYS A 457 -1.55 -8.28 19.37
N ASP A 458 -1.87 -7.09 18.87
CA ASP A 458 -2.71 -6.14 19.59
C ASP A 458 -4.15 -6.15 19.15
N VAL A 459 -4.50 -6.98 18.17
CA VAL A 459 -5.84 -7.04 17.62
C VAL A 459 -6.44 -8.40 17.93
N TYR A 460 -7.77 -8.46 17.91
CA TYR A 460 -8.49 -9.66 18.33
C TYR A 460 -8.49 -10.68 17.19
N THR A 461 -7.32 -11.28 16.99
CA THR A 461 -7.10 -12.28 15.96
C THR A 461 -7.04 -13.68 16.56
N GLY A 462 -7.52 -14.65 15.77
CA GLY A 462 -7.44 -16.06 16.11
C GLY A 462 -7.32 -16.89 14.85
N PHE A 463 -7.54 -18.20 14.94
CA PHE A 463 -7.49 -19.01 13.72
C PHE A 463 -8.12 -20.36 13.96
N ARG A 464 -8.63 -20.94 12.87
CA ARG A 464 -8.97 -22.35 12.77
C ARG A 464 -8.03 -23.00 11.78
N THR A 465 -7.95 -24.33 11.82
CA THR A 465 -7.00 -25.07 11.03
C THR A 465 -7.70 -25.91 9.97
N CYS A 466 -7.07 -26.03 8.81
CA CYS A 466 -7.48 -26.96 7.78
C CYS A 466 -6.58 -28.19 7.83
N ALA A 467 -6.88 -29.18 7.00
CA ALA A 467 -6.15 -30.44 6.97
C ALA A 467 -5.21 -30.49 5.77
N LEU A 468 -4.00 -30.98 5.99
CA LEU A 468 -3.01 -31.08 4.93
C LEU A 468 -3.27 -32.25 4.01
N HIS B 20 10.51 -3.23 -33.19
CA HIS B 20 10.07 -2.85 -31.85
C HIS B 20 10.67 -3.77 -30.80
N MET B 21 9.82 -4.61 -30.20
CA MET B 21 10.25 -5.59 -29.21
C MET B 21 9.57 -6.93 -29.49
N ASN B 22 9.66 -7.37 -30.74
CA ASN B 22 9.08 -8.65 -31.15
C ASN B 22 10.14 -9.58 -31.71
N ASP B 23 10.90 -9.14 -32.71
CA ASP B 23 11.98 -9.94 -33.28
C ASP B 23 12.85 -10.51 -32.18
N ARG B 24 12.99 -11.85 -32.17
CA ARG B 24 13.87 -12.51 -31.19
C ARG B 24 15.24 -11.83 -31.14
N GLU B 25 15.68 -11.25 -32.26
CA GLU B 25 16.87 -10.42 -32.31
C GLU B 25 16.83 -9.30 -31.27
N SER B 26 15.87 -8.37 -31.43
CA SER B 26 15.78 -7.22 -30.54
C SER B 26 15.79 -7.63 -29.07
N LEU B 27 15.07 -8.72 -28.74
CA LEU B 27 15.05 -9.20 -27.37
C LEU B 27 16.45 -9.52 -26.86
N ILE B 28 17.21 -10.30 -27.61
CA ILE B 28 18.54 -10.70 -27.18
C ILE B 28 19.47 -9.49 -27.11
N GLN B 29 19.36 -8.58 -28.08
CA GLN B 29 20.13 -7.34 -28.03
C GLN B 29 19.82 -6.56 -26.75
N ALA B 30 18.54 -6.46 -26.41
CA ALA B 30 18.14 -5.79 -25.17
C ALA B 30 18.71 -6.51 -23.96
N LEU B 31 18.45 -7.81 -23.86
CA LEU B 31 18.97 -8.61 -22.74
C LEU B 31 20.46 -8.42 -22.55
N HIS B 32 21.21 -8.32 -23.65
CA HIS B 32 22.64 -8.07 -23.56
C HIS B 32 22.91 -6.67 -23.03
N HIS B 33 22.29 -5.65 -23.65
CA HIS B 33 22.47 -4.28 -23.19
C HIS B 33 22.19 -4.14 -21.70
N THR B 34 21.11 -4.76 -21.23
CA THR B 34 20.80 -4.74 -19.80
C THR B 34 21.92 -5.41 -19.00
N ARG B 35 22.30 -6.63 -19.39
CA ARG B 35 23.39 -7.32 -18.71
C ARG B 35 24.66 -6.49 -18.70
N ASP B 36 25.01 -5.91 -19.86
CA ASP B 36 26.22 -5.10 -19.94
C ASP B 36 26.13 -3.89 -19.01
N ARG B 37 24.98 -3.20 -19.00
CA ARG B 37 24.80 -2.06 -18.12
C ARG B 37 24.99 -2.46 -16.65
N VAL B 38 24.34 -3.54 -16.22
CA VAL B 38 24.47 -4.01 -14.85
C VAL B 38 25.94 -4.28 -14.53
N LYS B 39 26.61 -5.05 -15.39
CA LYS B 39 28.01 -5.36 -15.18
C LYS B 39 28.86 -4.09 -15.19
N ASP B 40 28.60 -3.18 -16.13
CA ASP B 40 29.28 -1.88 -16.14
C ASP B 40 29.13 -1.19 -14.80
N LEU B 41 27.92 -1.24 -14.22
CA LEU B 41 27.67 -0.55 -12.96
C LEU B 41 28.36 -1.24 -11.79
N VAL B 42 28.37 -2.58 -11.79
CA VAL B 42 28.89 -3.31 -10.62
C VAL B 42 30.40 -3.52 -10.71
N CYS B 43 30.96 -3.58 -11.91
CA CYS B 43 32.40 -3.83 -12.04
C CYS B 43 33.24 -2.56 -11.97
N SER B 44 32.70 -1.43 -12.45
CA SER B 44 33.46 -0.18 -12.44
C SER B 44 33.80 0.30 -11.04
N LEU B 45 33.18 -0.27 -10.01
CA LEU B 45 33.40 0.15 -8.63
C LEU B 45 34.47 -0.69 -7.97
N ARG B 46 35.19 -0.07 -7.03
CA ARG B 46 36.17 -0.79 -6.24
C ARG B 46 35.48 -1.74 -5.27
N GLU B 47 36.26 -2.65 -4.69
CA GLU B 47 35.71 -3.60 -3.73
C GLU B 47 35.19 -2.88 -2.49
N ASP B 48 35.98 -1.96 -1.95
CA ASP B 48 35.56 -1.16 -0.80
C ASP B 48 34.23 -0.48 -1.06
N GLN B 49 34.00 -0.02 -2.29
CA GLN B 49 32.80 0.72 -2.62
C GLN B 49 31.57 -0.18 -2.65
N LEU B 50 31.73 -1.49 -2.85
CA LEU B 50 30.58 -2.39 -2.97
C LEU B 50 29.68 -2.30 -1.74
N SER B 51 30.25 -2.04 -0.57
CA SER B 51 29.46 -1.73 0.62
C SER B 51 29.07 -0.26 0.53
N VAL B 52 27.88 0.00 0.01
CA VAL B 52 27.41 1.38 -0.16
C VAL B 52 26.96 1.92 1.19
N PRO B 53 27.23 3.20 1.49
CA PRO B 53 26.68 3.80 2.71
C PRO B 53 25.17 3.63 2.73
N TYR B 54 24.63 3.31 3.91
CA TYR B 54 23.21 3.03 3.98
C TYR B 54 22.40 4.29 3.70
N HIS B 55 21.34 4.12 2.91
CA HIS B 55 20.39 5.17 2.61
C HIS B 55 19.11 4.44 2.23
N PRO B 56 17.95 4.90 2.71
CA PRO B 56 16.71 4.16 2.47
C PRO B 56 16.38 3.95 0.99
N GLY B 57 16.92 4.78 0.10
CA GLY B 57 16.61 4.67 -1.32
C GLY B 57 17.60 3.90 -2.16
N VAL B 58 18.74 3.54 -1.57
CA VAL B 58 19.77 2.82 -2.28
C VAL B 58 19.72 1.35 -1.90
N ASN B 59 20.56 0.54 -2.56
CA ASN B 59 20.61 -0.89 -2.30
C ASN B 59 21.99 -1.42 -2.71
N PRO B 60 22.55 -2.38 -1.99
CA PRO B 60 23.80 -3.00 -2.39
C PRO B 60 23.77 -3.41 -3.86
N PRO B 61 24.71 -2.90 -4.65
CA PRO B 61 24.70 -3.17 -6.10
C PRO B 61 24.73 -4.64 -6.45
N VAL B 62 25.45 -5.46 -5.69
CA VAL B 62 25.53 -6.88 -6.00
C VAL B 62 24.20 -7.57 -5.72
N TRP B 63 23.43 -7.10 -4.73
CA TRP B 63 22.10 -7.64 -4.51
C TRP B 63 21.18 -7.28 -5.67
N GLU B 64 21.22 -6.03 -6.11
CA GLU B 64 20.46 -5.61 -7.28
C GLU B 64 20.73 -6.55 -8.46
N MET B 65 22.00 -6.88 -8.68
CA MET B 65 22.39 -7.85 -9.70
C MET B 65 21.64 -9.17 -9.53
N GLY B 66 21.88 -9.86 -8.41
CA GLY B 66 21.26 -11.16 -8.20
C GLY B 66 19.75 -11.09 -8.19
N HIS B 67 19.19 -10.08 -7.51
CA HIS B 67 17.74 -9.94 -7.47
C HIS B 67 17.16 -9.75 -8.86
N SER B 68 17.77 -8.86 -9.66
CA SER B 68 17.33 -8.69 -11.04
C SER B 68 17.49 -9.97 -11.84
N THR B 69 18.52 -10.75 -11.56
CA THR B 69 18.71 -12.04 -12.23
C THR B 69 17.65 -13.03 -11.81
N PHE B 70 17.48 -13.20 -10.49
CA PHE B 70 16.53 -14.14 -9.92
C PHE B 70 15.13 -14.00 -10.53
N PHE B 71 14.74 -12.77 -10.89
CA PHE B 71 13.44 -12.54 -11.52
C PHE B 71 13.22 -13.45 -12.73
N TYR B 72 14.21 -13.53 -13.62
CA TYR B 72 14.11 -14.39 -14.80
C TYR B 72 13.74 -15.82 -14.43
N GLU B 73 14.38 -16.35 -13.39
CA GLU B 73 14.13 -17.72 -12.95
C GLU B 73 12.66 -17.94 -12.62
N VAL B 74 12.12 -17.12 -11.72
CA VAL B 74 10.77 -17.32 -11.21
C VAL B 74 9.74 -17.04 -12.28
N PHE B 75 9.90 -15.94 -13.02
CA PHE B 75 8.85 -15.41 -13.85
C PHE B 75 9.07 -15.69 -15.33
N VAL B 76 10.11 -16.45 -15.68
CA VAL B 76 10.26 -16.91 -17.06
C VAL B 76 10.57 -18.40 -17.05
N LEU B 77 11.74 -18.74 -16.50
CA LEU B 77 12.19 -20.16 -16.53
C LEU B 77 11.25 -21.09 -15.75
N ASN B 78 11.18 -20.95 -14.44
CA ASN B 78 10.36 -21.89 -13.62
C ASN B 78 8.92 -21.70 -14.09
N TRP B 79 8.58 -20.47 -14.47
CA TRP B 79 7.17 -20.18 -14.85
C TRP B 79 6.76 -21.00 -16.06
N LEU B 80 7.56 -20.99 -17.11
CA LEU B 80 7.11 -21.64 -18.37
C LEU B 80 7.65 -23.07 -18.52
N ASP B 81 8.92 -23.31 -18.19
CA ASP B 81 9.50 -24.66 -18.45
C ASP B 81 9.52 -25.52 -17.18
N GLY B 82 9.64 -24.91 -15.99
CA GLY B 82 9.79 -25.72 -14.76
C GLY B 82 11.24 -25.73 -14.35
N THR B 83 12.11 -25.12 -15.16
CA THR B 83 13.55 -25.01 -14.84
C THR B 83 13.73 -24.65 -13.36
N PRO B 84 14.52 -25.43 -12.57
CA PRO B 84 14.78 -25.11 -11.17
C PRO B 84 15.66 -23.87 -10.98
N SER B 85 16.04 -23.58 -9.74
CA SER B 85 16.83 -22.36 -9.45
C SER B 85 18.34 -22.64 -9.54
N TYR B 86 19.13 -21.63 -9.89
CA TYR B 86 20.60 -21.78 -9.97
C TYR B 86 21.17 -21.97 -8.56
N ASP B 87 20.71 -21.13 -7.61
CA ASP B 87 21.19 -21.23 -6.21
C ASP B 87 19.98 -21.41 -5.28
N PRO B 88 19.40 -22.63 -5.16
CA PRO B 88 18.20 -22.85 -4.35
C PRO B 88 18.27 -22.23 -2.93
N SER B 89 19.47 -22.01 -2.40
CA SER B 89 19.63 -21.48 -1.03
C SER B 89 19.33 -19.98 -1.00
N MET B 90 19.58 -19.27 -2.11
CA MET B 90 19.35 -17.84 -2.19
C MET B 90 17.94 -17.48 -2.63
N ASP B 91 17.07 -18.47 -2.81
CA ASP B 91 15.76 -18.21 -3.38
C ASP B 91 14.96 -17.22 -2.53
N ASP B 92 14.83 -17.49 -1.23
CA ASP B 92 14.20 -16.55 -0.32
C ASP B 92 15.18 -15.55 0.25
N LEU B 93 16.24 -15.24 -0.50
CA LEU B 93 17.19 -14.19 -0.15
C LEU B 93 17.41 -13.18 -1.27
N TRP B 94 16.90 -13.43 -2.47
CA TRP B 94 16.85 -12.44 -3.54
C TRP B 94 15.50 -11.75 -3.62
N ASP B 95 14.41 -12.49 -3.36
CA ASP B 95 13.04 -11.99 -3.42
C ASP B 95 12.90 -10.68 -2.66
N SER B 96 12.65 -9.58 -3.38
CA SER B 96 12.59 -8.26 -2.78
C SER B 96 11.62 -8.21 -1.61
N PHE B 97 10.37 -8.64 -1.85
CA PHE B 97 9.35 -8.73 -0.80
C PHE B 97 9.91 -9.36 0.46
N HIS B 98 10.41 -10.59 0.36
CA HIS B 98 10.92 -11.29 1.54
C HIS B 98 12.20 -10.65 2.06
N MET B 99 13.16 -10.40 1.15
CA MET B 99 14.45 -9.86 1.54
C MET B 99 14.20 -8.59 2.33
N ASP B 100 14.57 -8.60 3.61
CA ASP B 100 14.43 -7.43 4.46
C ASP B 100 15.44 -6.41 3.99
N HIS B 101 14.97 -5.19 3.73
CA HIS B 101 15.80 -4.16 3.10
C HIS B 101 17.10 -3.96 3.84
N GLU B 102 17.03 -3.72 5.15
CA GLU B 102 18.23 -3.43 5.92
C GLU B 102 19.21 -4.61 5.92
N ASP B 103 18.69 -5.83 5.78
CA ASP B 103 19.56 -7.01 5.83
C ASP B 103 20.34 -7.24 4.55
N ARG B 104 19.95 -6.58 3.45
CA ARG B 104 20.64 -6.78 2.18
C ARG B 104 22.09 -6.30 2.23
N TRP B 105 22.40 -5.39 3.14
CA TRP B 105 23.82 -5.00 3.33
C TRP B 105 24.36 -6.10 4.24
N SER B 106 24.42 -7.34 3.77
CA SER B 106 24.81 -8.49 4.64
C SER B 106 26.29 -8.72 4.39
N LYS B 107 26.66 -9.33 3.26
CA LYS B 107 28.09 -9.64 2.90
C LYS B 107 28.54 -10.93 3.59
N THR B 108 27.73 -11.50 4.48
CA THR B 108 28.09 -12.80 5.11
C THR B 108 26.92 -13.73 4.79
N LEU B 109 26.07 -13.34 3.85
CA LEU B 109 24.88 -14.15 3.48
C LEU B 109 24.63 -13.97 1.98
N PHE B 110 25.46 -13.16 1.33
CA PHE B 110 25.28 -12.89 -0.12
C PHE B 110 26.58 -13.19 -0.86
N PRO B 111 26.54 -13.94 -1.98
CA PRO B 111 27.76 -14.26 -2.72
C PRO B 111 28.61 -13.05 -3.09
N SER B 112 29.79 -13.32 -3.62
CA SER B 112 30.70 -12.26 -4.05
C SER B 112 30.17 -11.63 -5.32
N ARG B 113 30.87 -10.60 -5.81
CA ARG B 113 30.66 -10.15 -7.16
C ARG B 113 30.75 -11.33 -8.13
N GLU B 114 31.89 -12.01 -8.15
CA GLU B 114 32.22 -12.93 -9.24
C GLU B 114 31.16 -14.04 -9.26
N ASP B 115 30.84 -14.58 -8.08
CA ASP B 115 29.82 -15.62 -7.99
C ASP B 115 28.48 -15.13 -8.54
N THR B 116 28.09 -13.91 -8.19
CA THR B 116 26.84 -13.37 -8.69
C THR B 116 26.93 -12.99 -10.17
N LEU B 117 28.08 -12.47 -10.60
CA LEU B 117 28.26 -12.18 -12.05
C LEU B 117 28.02 -13.50 -12.80
N ALA B 118 28.57 -14.60 -12.29
CA ALA B 118 28.35 -15.92 -12.91
C ALA B 118 26.85 -16.24 -12.95
N TYR B 119 26.17 -16.12 -11.80
CA TYR B 119 24.73 -16.29 -11.72
C TYR B 119 24.02 -15.52 -12.82
N MET B 120 24.39 -14.25 -13.00
CA MET B 120 23.87 -13.45 -14.10
C MET B 120 24.16 -14.06 -15.46
N ASP B 121 25.46 -14.17 -15.81
CA ASP B 121 25.90 -14.70 -17.10
C ASP B 121 25.23 -16.03 -17.41
N THR B 122 25.21 -16.94 -16.44
CA THR B 122 24.56 -18.23 -16.64
C THR B 122 23.09 -18.06 -16.97
N ILE B 123 22.38 -17.25 -16.17
CA ILE B 123 20.94 -17.10 -16.38
C ILE B 123 20.66 -16.30 -17.64
N ILE B 124 21.44 -15.24 -17.86
CA ILE B 124 21.27 -14.45 -19.10
C ILE B 124 21.35 -15.45 -20.25
N GLN B 125 22.34 -16.35 -20.20
CA GLN B 125 22.53 -17.32 -21.30
C GLN B 125 21.30 -18.21 -21.41
N ARG B 126 20.92 -18.84 -20.30
CA ARG B 126 19.79 -19.80 -20.36
C ARG B 126 18.63 -19.10 -21.07
N MET B 127 18.48 -17.80 -20.82
CA MET B 127 17.36 -17.05 -21.43
C MET B 127 17.61 -16.93 -22.93
N GLU B 128 18.81 -16.48 -23.31
CA GLU B 128 19.15 -16.37 -24.76
C GLU B 128 18.77 -17.69 -25.43
N ASP B 129 19.26 -18.80 -24.89
CA ASP B 129 18.94 -20.13 -25.48
C ASP B 129 17.42 -20.25 -25.62
N ARG B 130 16.70 -20.11 -24.52
CA ARG B 130 15.22 -20.26 -24.55
C ARG B 130 14.65 -19.38 -25.66
N ILE B 131 14.89 -18.07 -25.56
CA ILE B 131 14.33 -17.12 -26.57
C ILE B 131 14.69 -17.63 -27.96
N ARG B 132 15.94 -17.97 -28.19
CA ARG B 132 16.39 -18.37 -29.55
C ARG B 132 15.72 -19.69 -29.96
N ASN B 133 15.81 -20.72 -29.11
CA ASN B 133 15.32 -22.06 -29.52
C ASN B 133 13.81 -22.22 -29.27
N GLN B 134 13.39 -22.15 -28.02
CA GLN B 134 11.96 -22.45 -27.70
C GLN B 134 11.09 -21.44 -28.45
N PRO B 135 9.86 -21.82 -28.85
CA PRO B 135 8.97 -20.93 -29.59
C PRO B 135 8.75 -19.57 -28.91
N LEU B 136 8.36 -18.56 -29.70
CA LEU B 136 8.08 -17.23 -29.12
C LEU B 136 6.57 -17.05 -28.99
N THR B 137 5.96 -17.72 -28.02
CA THR B 137 4.51 -17.55 -27.77
C THR B 137 4.27 -16.18 -27.14
N ASP B 138 3.13 -15.55 -27.46
CA ASP B 138 2.80 -14.27 -26.84
C ASP B 138 3.11 -14.29 -25.35
N GLU B 139 2.69 -15.35 -24.67
CA GLU B 139 3.06 -15.58 -23.28
C GLU B 139 4.55 -15.43 -22.97
N ALA B 140 5.40 -16.03 -23.80
CA ALA B 140 6.85 -16.00 -23.56
C ALA B 140 7.31 -14.57 -23.80
N LEU B 141 6.82 -13.94 -24.89
CA LEU B 141 7.22 -12.57 -25.20
C LEU B 141 6.93 -11.63 -24.04
N TYR B 142 5.68 -11.61 -23.57
CA TYR B 142 5.29 -10.84 -22.40
C TYR B 142 6.25 -11.08 -21.24
N LEU B 143 6.43 -12.35 -20.86
CA LEU B 143 7.31 -12.69 -19.74
C LEU B 143 8.74 -12.23 -19.99
N TYR B 144 9.26 -12.45 -21.20
CA TYR B 144 10.61 -11.98 -21.53
C TYR B 144 10.73 -10.48 -21.29
N ARG B 145 9.83 -9.70 -21.91
CA ARG B 145 9.88 -8.24 -21.81
C ARG B 145 9.84 -7.79 -20.34
N TYR B 146 8.79 -8.20 -19.62
CA TYR B 146 8.66 -7.94 -18.19
C TYR B 146 9.98 -8.12 -17.46
N ALA B 147 10.62 -9.27 -17.64
CA ALA B 147 11.86 -9.57 -16.93
C ALA B 147 12.97 -8.59 -17.30
N ILE B 148 13.22 -8.42 -18.61
CA ILE B 148 14.24 -7.47 -19.06
C ILE B 148 13.94 -6.08 -18.55
N TYR B 149 12.69 -5.63 -18.69
CA TYR B 149 12.30 -4.31 -18.23
C TYR B 149 12.53 -4.17 -16.74
N HIS B 150 12.20 -5.21 -15.96
CA HIS B 150 12.41 -5.16 -14.51
C HIS B 150 13.88 -4.95 -14.18
N GLN B 151 14.73 -5.77 -14.80
CA GLN B 151 16.20 -5.65 -14.58
C GLN B 151 16.61 -4.24 -15.01
N ASN B 152 16.05 -3.74 -16.12
CA ASN B 152 16.33 -2.36 -16.54
C ASN B 152 15.81 -1.41 -15.46
N MET B 153 14.69 -1.78 -14.81
CA MET B 153 14.22 -0.95 -13.68
C MET B 153 15.30 -0.94 -12.60
N HIS B 154 16.04 -2.04 -12.42
CA HIS B 154 17.06 -1.94 -11.39
C HIS B 154 18.30 -1.23 -11.90
N VAL B 155 18.51 -1.18 -13.22
CA VAL B 155 19.60 -0.39 -13.77
C VAL B 155 19.48 1.07 -13.33
N GLU B 156 18.25 1.60 -13.34
CA GLU B 156 18.01 2.95 -12.83
C GLU B 156 18.43 3.06 -11.37
N SER B 157 17.97 2.13 -10.55
CA SER B 157 18.26 2.21 -9.10
C SER B 157 19.78 2.30 -8.90
N MET B 158 20.52 1.32 -9.44
CA MET B 158 21.98 1.28 -9.26
C MET B 158 22.59 2.62 -9.69
N THR B 159 22.04 3.23 -10.74
CA THR B 159 22.54 4.51 -11.24
C THR B 159 22.35 5.62 -10.20
N TRP B 160 21.14 5.76 -9.68
CA TRP B 160 20.91 6.83 -8.71
C TRP B 160 21.54 6.52 -7.36
N CYS B 161 21.73 5.23 -7.04
CA CYS B 161 22.46 4.86 -5.85
C CYS B 161 23.80 5.57 -5.78
N ARG B 162 24.51 5.62 -6.91
CA ARG B 162 25.79 6.32 -6.98
C ARG B 162 25.62 7.80 -6.66
N GLN B 163 24.57 8.43 -7.20
CA GLN B 163 24.36 9.86 -6.94
C GLN B 163 24.06 10.11 -5.48
N THR B 164 23.28 9.23 -4.84
CA THR B 164 22.95 9.40 -3.43
C THR B 164 24.21 9.32 -2.56
N VAL B 165 25.05 8.31 -2.78
CA VAL B 165 26.22 8.08 -1.95
C VAL B 165 27.44 8.84 -2.45
N GLY B 166 27.36 9.49 -3.60
CA GLY B 166 28.50 10.22 -4.13
C GLY B 166 29.54 9.37 -4.82
N TYR B 167 29.14 8.26 -5.42
CA TYR B 167 30.07 7.36 -6.08
C TYR B 167 30.28 7.76 -7.53
N PRO B 168 31.44 7.37 -8.12
CA PRO B 168 31.72 7.65 -9.53
C PRO B 168 30.52 7.53 -10.48
N ALA B 169 30.41 8.50 -11.39
CA ALA B 169 29.37 8.44 -12.41
C ALA B 169 29.51 7.14 -13.20
N PRO B 170 28.40 6.48 -13.54
CA PRO B 170 28.48 5.22 -14.28
C PRO B 170 29.30 5.38 -15.56
N PRO B 171 29.97 4.32 -16.01
CA PRO B 171 30.84 4.46 -17.19
C PRO B 171 30.11 4.97 -18.41
N PHE B 172 28.87 4.53 -18.63
CA PHE B 172 28.15 4.79 -19.86
C PHE B 172 27.41 6.13 -19.82
N ALA B 173 27.93 7.10 -19.08
CA ALA B 173 27.21 8.33 -18.80
C ALA B 173 27.98 9.55 -19.28
N GLU B 174 27.22 10.61 -19.59
CA GLU B 174 27.75 11.92 -19.97
C GLU B 174 27.17 12.97 -19.02
N PRO B 175 27.59 12.96 -17.74
CA PRO B 175 26.91 13.78 -16.73
C PRO B 175 26.90 15.27 -17.05
N LYS B 176 27.96 15.79 -17.68
CA LYS B 176 27.98 17.21 -18.04
C LYS B 176 26.82 17.58 -18.94
N GLY B 177 26.22 16.60 -19.62
CA GLY B 177 25.01 16.82 -20.38
C GLY B 177 25.26 17.36 -21.77
N LEU B 178 24.17 17.74 -22.41
CA LEU B 178 24.25 18.38 -23.72
C LEU B 178 24.85 19.72 -23.34
N THR B 179 26.18 19.80 -23.37
CA THR B 179 26.87 21.06 -22.98
C THR B 179 27.19 21.87 -24.24
N GLY B 180 27.19 21.23 -25.40
CA GLY B 180 27.43 21.94 -26.67
C GLY B 180 26.16 22.49 -27.25
N GLU B 181 25.73 21.98 -28.41
CA GLU B 181 24.51 22.49 -29.10
C GLU B 181 23.28 22.32 -28.21
N GLY B 182 23.18 23.12 -27.16
CA GLY B 182 21.98 23.07 -26.30
C GLY B 182 21.15 24.32 -26.48
N VAL B 183 21.53 25.41 -25.80
CA VAL B 183 20.82 26.71 -25.93
C VAL B 183 19.36 26.57 -25.49
N ASP B 184 18.47 27.40 -26.04
CA ASP B 184 17.05 27.38 -25.70
C ASP B 184 16.28 28.28 -26.65
N GLN B 185 15.13 27.84 -27.14
CA GLN B 185 14.42 28.60 -28.16
C GLN B 185 13.35 29.49 -27.51
N ASP B 186 12.36 29.91 -28.31
CA ASP B 186 11.20 30.61 -27.82
C ASP B 186 10.01 29.69 -27.62
N ALA B 187 10.19 28.39 -27.87
CA ALA B 187 9.11 27.42 -27.65
C ALA B 187 8.52 27.53 -26.25
N ARG B 188 9.34 27.97 -25.28
CA ARG B 188 8.89 28.29 -23.93
C ARG B 188 7.53 28.96 -23.98
N GLY B 189 6.49 28.21 -23.60
CA GLY B 189 5.15 28.74 -23.63
C GLY B 189 4.20 27.70 -23.07
N ASP B 190 2.93 28.07 -23.05
CA ASP B 190 1.86 27.20 -22.57
C ASP B 190 1.03 26.72 -23.75
N ALA B 191 0.68 25.44 -23.73
CA ALA B 191 -0.20 24.84 -24.73
C ALA B 191 -1.56 24.59 -24.12
N THR B 192 -2.60 25.09 -24.77
CA THR B 192 -3.97 24.96 -24.27
C THR B 192 -4.60 23.73 -24.90
N ILE B 193 -4.73 22.67 -24.11
CA ILE B 193 -5.33 21.42 -24.63
C ILE B 193 -6.83 21.63 -24.80
N PRO B 194 -7.41 21.29 -25.94
CA PRO B 194 -8.84 21.49 -26.12
C PRO B 194 -9.65 20.49 -25.33
N ALA B 195 -10.81 20.95 -24.86
CA ALA B 195 -11.71 20.08 -24.11
C ALA B 195 -12.25 18.98 -25.02
N GLY B 196 -12.50 17.82 -24.44
CA GLY B 196 -13.05 16.70 -25.18
C GLY B 196 -12.88 15.42 -24.39
N ARG B 197 -13.39 14.34 -24.97
CA ARG B 197 -13.22 13.01 -24.42
C ARG B 197 -11.93 12.41 -24.96
N TYR B 198 -11.07 11.95 -24.06
CA TYR B 198 -9.78 11.36 -24.42
C TYR B 198 -9.70 9.95 -23.86
N LEU B 199 -8.74 9.18 -24.35
CA LEU B 199 -8.52 7.82 -23.91
C LEU B 199 -7.23 7.74 -23.10
N ILE B 200 -7.33 7.14 -21.92
CA ILE B 200 -6.21 7.01 -20.99
C ILE B 200 -5.94 5.53 -20.78
N GLY B 201 -4.66 5.17 -20.71
CA GLY B 201 -4.26 3.83 -20.31
C GLY B 201 -4.21 2.85 -21.46
N LEU B 202 -3.95 1.60 -21.09
CA LEU B 202 -3.79 0.49 -22.00
C LEU B 202 -4.84 -0.59 -21.72
N PRO B 203 -5.39 -1.22 -22.75
CA PRO B 203 -6.40 -2.25 -22.52
C PRO B 203 -5.83 -3.40 -21.71
N ALA B 204 -6.73 -4.09 -21.00
CA ALA B 204 -6.32 -5.19 -20.14
C ALA B 204 -5.80 -6.35 -20.98
N ASN B 205 -4.88 -7.13 -20.37
CA ASN B 205 -4.29 -8.27 -21.07
C ASN B 205 -5.37 -9.23 -21.56
N ARG B 206 -6.43 -9.41 -20.79
CA ARG B 206 -7.51 -10.32 -21.16
C ARG B 206 -8.44 -9.73 -22.22
N ASP B 207 -8.23 -8.48 -22.64
CA ASP B 207 -9.09 -7.84 -23.62
C ASP B 207 -8.37 -7.51 -24.92
N SER B 208 -7.10 -7.88 -25.06
CA SER B 208 -6.34 -7.60 -26.27
C SER B 208 -5.37 -8.74 -26.51
N ASP B 209 -5.36 -9.28 -27.73
CA ASP B 209 -4.38 -10.28 -28.10
C ASP B 209 -3.00 -9.68 -28.34
N ALA B 210 -2.87 -8.36 -28.27
CA ALA B 210 -1.58 -7.69 -28.33
C ALA B 210 -1.00 -7.40 -26.95
N TYR B 211 -1.45 -8.14 -25.92
CA TYR B 211 -0.98 -7.89 -24.56
C TYR B 211 0.52 -8.08 -24.42
N ALA B 212 1.14 -8.85 -25.31
CA ALA B 212 2.59 -9.04 -25.30
C ALA B 212 3.30 -8.13 -26.29
N THR B 213 2.57 -7.40 -27.13
CA THR B 213 3.18 -6.61 -28.19
C THR B 213 2.72 -5.16 -28.03
N GLU B 214 1.69 -4.72 -28.75
CA GLU B 214 1.33 -3.31 -28.78
C GLU B 214 0.75 -2.86 -27.46
N ASP B 215 -0.23 -3.61 -26.94
CA ASP B 215 -0.89 -3.27 -25.68
C ASP B 215 -0.18 -3.88 -24.48
N PHE B 216 1.15 -3.93 -24.52
CA PHE B 216 1.93 -4.40 -23.38
C PHE B 216 2.10 -3.27 -22.39
N GLY B 217 1.71 -3.51 -21.15
CA GLY B 217 1.91 -2.56 -20.08
C GLY B 217 1.82 -3.27 -18.75
N PHE B 218 2.31 -2.59 -17.72
CA PHE B 218 2.19 -3.11 -16.37
C PHE B 218 0.78 -2.84 -15.85
N ASP B 219 0.44 -3.46 -14.71
CA ASP B 219 -0.95 -3.42 -14.27
C ASP B 219 -1.43 -2.01 -13.97
N ASN B 220 -0.53 -1.13 -13.53
CA ASN B 220 -0.93 0.24 -13.22
C ASN B 220 -1.52 0.97 -14.42
N GLU B 221 -1.19 0.55 -15.63
CA GLU B 221 -1.66 1.21 -16.84
C GLU B 221 -2.97 0.64 -17.36
N LYS B 222 -3.46 -0.44 -16.76
CA LYS B 222 -4.67 -1.12 -17.22
C LYS B 222 -5.67 -1.22 -16.08
N PRO B 223 -6.98 -1.25 -16.40
CA PRO B 223 -7.61 -1.22 -17.72
C PRO B 223 -7.75 0.20 -18.27
N ALA B 224 -7.76 0.35 -19.60
CA ALA B 224 -7.87 1.66 -20.21
C ALA B 224 -9.29 2.19 -20.14
N PHE B 225 -9.42 3.52 -20.13
CA PHE B 225 -10.72 4.16 -19.96
C PHE B 225 -10.74 5.48 -20.72
N GLU B 226 -11.94 6.01 -20.89
CA GLU B 226 -12.16 7.30 -21.53
C GLU B 226 -12.49 8.34 -20.46
N VAL B 227 -11.98 9.56 -20.67
CA VAL B 227 -12.10 10.64 -19.69
C VAL B 227 -12.56 11.89 -20.42
N ASP B 228 -13.62 12.52 -19.90
CA ASP B 228 -14.11 13.79 -20.42
C ASP B 228 -13.27 14.90 -19.80
N MET B 229 -12.19 15.27 -20.49
CA MET B 229 -11.22 16.23 -19.97
C MET B 229 -11.71 17.65 -20.22
N PRO B 230 -11.76 18.50 -19.20
CA PRO B 230 -11.96 19.93 -19.43
C PRO B 230 -10.68 20.59 -19.93
N GLU B 231 -10.87 21.76 -20.55
CA GLU B 231 -9.75 22.47 -21.17
C GLU B 231 -8.73 22.91 -20.12
N PHE B 232 -7.45 22.70 -20.43
CA PHE B 232 -6.37 23.10 -19.54
C PHE B 232 -5.19 23.58 -20.37
N SER B 233 -4.30 24.32 -19.70
CA SER B 233 -3.11 24.90 -20.32
C SER B 233 -1.87 24.43 -19.58
N ILE B 234 -1.03 23.65 -20.26
CA ILE B 234 0.17 23.07 -19.67
C ILE B 234 1.38 23.70 -20.34
N SER B 235 2.43 23.92 -19.55
CA SER B 235 3.68 24.44 -20.10
C SER B 235 4.31 23.42 -21.05
N ARG B 236 4.85 23.92 -22.16
CA ARG B 236 5.55 23.06 -23.10
C ARG B 236 6.96 22.73 -22.64
N THR B 237 7.43 23.36 -21.56
CA THR B 237 8.77 23.16 -21.03
C THR B 237 8.71 22.80 -19.56
N LEU B 238 9.65 21.96 -19.13
CA LEU B 238 9.80 21.67 -17.71
C LEU B 238 10.28 22.92 -16.98
N VAL B 239 10.05 22.94 -15.67
CA VAL B 239 10.50 24.06 -14.85
C VAL B 239 12.02 24.06 -14.82
N THR B 240 12.61 25.22 -15.10
CA THR B 240 14.06 25.35 -15.22
C THR B 240 14.69 25.70 -13.88
N ASN B 241 16.00 25.42 -13.77
CA ASN B 241 16.74 25.77 -12.56
C ASN B 241 16.67 27.26 -12.28
N GLY B 242 16.73 28.09 -13.33
CA GLY B 242 16.65 29.52 -13.13
C GLY B 242 15.29 29.98 -12.65
N GLU B 243 14.23 29.30 -13.07
CA GLU B 243 12.90 29.58 -12.55
C GLU B 243 12.81 29.20 -11.07
N PHE B 244 13.25 27.99 -10.73
CA PHE B 244 13.24 27.56 -9.34
C PHE B 244 14.17 28.40 -8.47
N GLN B 245 15.20 28.98 -9.07
CA GLN B 245 16.14 29.82 -8.32
C GLN B 245 15.43 30.96 -7.62
N LYS B 246 14.53 31.66 -8.34
CA LYS B 246 13.86 32.82 -7.78
C LYS B 246 13.04 32.43 -6.55
N PHE B 247 12.28 31.33 -6.66
CA PHE B 247 11.55 30.81 -5.52
C PHE B 247 12.48 30.59 -4.33
N VAL B 248 13.64 29.99 -4.58
CA VAL B 248 14.62 29.77 -3.52
C VAL B 248 15.14 31.11 -3.00
N GLU B 249 15.63 31.96 -3.90
CA GLU B 249 16.32 33.18 -3.49
C GLU B 249 15.39 34.20 -2.83
N GLU B 250 14.08 34.09 -3.02
CA GLU B 250 13.15 35.05 -2.44
C GLU B 250 12.58 34.60 -1.10
N GLY B 251 12.97 33.41 -0.63
CA GLY B 251 12.60 32.95 0.70
C GLY B 251 11.62 31.80 0.75
N GLY B 252 11.23 31.24 -0.41
CA GLY B 252 10.21 30.22 -0.50
C GLY B 252 10.24 29.12 0.55
N TYR B 253 11.42 28.56 0.80
CA TYR B 253 11.57 27.50 1.79
C TYR B 253 11.41 28.01 3.22
N GLU B 254 11.20 29.31 3.41
CA GLU B 254 10.97 29.91 4.72
C GLU B 254 9.66 30.68 4.78
N ARG B 255 8.80 30.53 3.77
CA ARG B 255 7.50 31.19 3.71
C ARG B 255 6.46 30.07 3.66
N PRO B 256 5.99 29.59 4.82
CA PRO B 256 5.10 28.42 4.83
C PRO B 256 3.81 28.61 4.05
N GLU B 257 3.46 29.86 3.72
CA GLU B 257 2.23 30.12 2.97
C GLU B 257 2.13 29.26 1.72
N PHE B 258 3.26 29.02 1.06
CA PHE B 258 3.25 28.26 -0.18
C PHE B 258 3.27 26.75 0.02
N TRP B 259 3.46 26.27 1.24
CA TRP B 259 3.65 24.85 1.52
C TRP B 259 2.42 24.26 2.18
N SER B 260 2.10 23.02 1.82
CA SER B 260 0.94 22.35 2.39
C SER B 260 1.29 21.74 3.74
N GLN B 261 0.32 21.03 4.32
CA GLN B 261 0.56 20.34 5.59
C GLN B 261 1.73 19.37 5.46
N GLY B 262 1.65 18.44 4.51
CA GLY B 262 2.75 17.52 4.29
C GLY B 262 4.04 18.23 3.95
N GLY B 263 3.97 19.29 3.16
CA GLY B 263 5.16 20.05 2.82
C GLY B 263 5.75 20.78 4.01
N ARG B 264 4.89 21.33 4.86
CA ARG B 264 5.36 22.01 6.06
C ARG B 264 6.01 21.04 7.05
N LYS B 265 5.52 19.80 7.09
CA LYS B 265 6.17 18.79 7.91
C LYS B 265 7.49 18.34 7.29
N TRP B 266 7.49 18.11 5.97
CA TRP B 266 8.72 17.77 5.27
C TRP B 266 9.77 18.86 5.41
N LEU B 267 9.33 20.12 5.45
CA LEU B 267 10.28 21.23 5.61
C LEU B 267 10.96 21.20 6.98
N GLU B 268 10.20 20.85 8.02
CA GLU B 268 10.73 20.82 9.39
C GLU B 268 11.53 19.56 9.68
N ARG B 269 11.60 18.62 8.76
CA ARG B 269 12.42 17.43 8.95
C ARG B 269 13.90 17.81 8.95
N GLU B 270 14.65 17.24 9.89
CA GLU B 270 16.07 17.51 10.05
C GLU B 270 16.85 16.35 9.44
N ILE B 271 17.74 16.66 8.50
CA ILE B 271 18.46 15.65 7.73
C ILE B 271 19.92 16.08 7.59
N ASN B 272 20.75 15.12 7.17
CA ASN B 272 22.15 15.40 6.86
C ASN B 272 22.19 16.10 5.49
N LEU B 273 22.35 17.42 5.52
CA LEU B 273 22.41 18.21 4.30
C LEU B 273 23.67 17.96 3.49
N ASN B 274 24.60 17.16 4.00
CA ASN B 274 25.89 16.90 3.34
C ASN B 274 26.06 15.42 3.00
N PHE B 275 24.96 14.67 2.93
CA PHE B 275 25.05 13.24 2.62
C PHE B 275 25.41 13.04 1.15
N GLY B 276 26.36 12.14 0.90
CA GLY B 276 26.86 11.91 -0.44
C GLY B 276 27.87 12.93 -0.93
N SER B 277 28.20 13.93 -0.12
CA SER B 277 29.20 14.93 -0.47
C SER B 277 30.60 14.55 -0.03
N GLY B 278 30.76 13.45 0.69
CA GLY B 278 32.01 13.11 1.33
C GLY B 278 32.31 13.89 2.58
N GLU B 279 31.70 15.06 2.75
CA GLU B 279 31.95 15.90 3.90
C GLU B 279 31.27 15.32 5.14
N PRO B 280 31.74 15.68 6.33
CA PRO B 280 31.15 15.15 7.56
C PRO B 280 29.68 15.54 7.67
N PRO B 281 28.90 14.81 8.46
CA PRO B 281 27.46 15.10 8.55
C PRO B 281 27.18 16.49 9.06
N LEU B 282 26.09 17.07 8.55
CA LEU B 282 25.59 18.37 8.98
C LEU B 282 24.08 18.28 9.05
N MET B 283 23.55 18.12 10.27
CA MET B 283 22.11 17.95 10.46
C MET B 283 21.42 19.32 10.46
N GLY B 284 20.39 19.44 9.64
CA GLY B 284 19.66 20.68 9.55
C GLY B 284 18.46 20.54 8.64
N ARG B 285 17.88 21.68 8.27
CA ARG B 285 16.67 21.73 7.49
C ARG B 285 16.95 22.27 6.10
N GLN B 286 16.17 21.82 5.13
CA GLN B 286 16.41 22.18 3.73
C GLN B 286 15.96 23.61 3.46
N THR B 287 16.86 24.39 2.87
CA THR B 287 16.54 25.75 2.42
C THR B 287 16.57 25.88 0.91
N HIS B 288 16.88 24.81 0.19
CA HIS B 288 16.99 24.79 -1.25
C HIS B 288 16.96 23.32 -1.69
N PRO B 289 16.84 23.02 -2.99
CA PRO B 289 16.95 21.63 -3.43
C PRO B 289 18.17 20.94 -2.82
N PHE B 290 18.03 19.64 -2.55
CA PHE B 290 19.04 18.95 -1.76
C PHE B 290 20.41 18.97 -2.45
N HIS B 291 20.45 18.53 -3.71
CA HIS B 291 21.71 18.44 -4.43
C HIS B 291 22.24 19.79 -4.91
N TRP B 292 21.63 20.88 -4.46
CA TRP B 292 22.08 22.23 -4.77
C TRP B 292 22.99 22.76 -3.67
N ARG B 293 23.56 23.94 -3.95
CA ARG B 293 24.48 24.62 -3.04
C ARG B 293 24.78 25.97 -3.63
N LYS B 294 24.77 27.01 -2.81
CA LYS B 294 25.14 28.35 -3.25
C LYS B 294 26.50 28.60 -2.64
N ARG B 295 27.56 28.40 -3.43
N ARG B 295 27.55 28.42 -3.42
CA ARG B 295 28.92 28.68 -3.01
CA ARG B 295 28.92 28.69 -2.99
C ARG B 295 29.32 30.07 -3.49
C ARG B 295 29.32 30.08 -3.48
N ASP B 296 29.41 31.01 -2.53
CA ASP B 296 29.93 32.36 -2.77
C ASP B 296 29.32 33.03 -4.01
N GLY B 297 27.99 33.10 -3.99
CA GLY B 297 27.22 33.82 -4.97
C GLY B 297 26.67 32.99 -6.12
N ARG B 298 27.34 31.89 -6.47
CA ARG B 298 26.95 31.07 -7.60
C ARG B 298 26.37 29.74 -7.12
N TRP B 299 25.31 29.30 -7.80
CA TRP B 299 24.65 28.04 -7.45
C TRP B 299 25.34 26.88 -8.16
N TYR B 300 25.63 25.82 -7.41
CA TYR B 300 26.23 24.61 -7.95
C TYR B 300 25.35 23.40 -7.64
N GLU B 301 25.59 22.32 -8.38
CA GLU B 301 24.81 21.10 -8.26
C GLU B 301 25.76 19.91 -8.28
N ARG B 302 25.62 19.03 -7.29
CA ARG B 302 26.46 17.83 -7.24
C ARG B 302 26.02 16.86 -8.33
N VAL B 303 26.94 16.53 -9.22
CA VAL B 303 26.71 15.54 -10.26
C VAL B 303 27.63 14.35 -10.00
N PHE B 304 27.13 13.37 -9.26
CA PHE B 304 27.88 12.17 -8.86
C PHE B 304 29.10 12.72 -8.12
N ASP B 305 30.30 12.46 -8.64
CA ASP B 305 31.52 12.84 -7.94
C ASP B 305 31.91 14.30 -7.88
N GLN B 306 31.26 15.18 -8.64
CA GLN B 306 31.71 16.56 -8.78
C GLN B 306 30.57 17.53 -8.56
N TRP B 307 30.94 18.72 -8.09
CA TRP B 307 30.01 19.83 -7.91
C TRP B 307 30.12 20.73 -9.14
N LEU B 308 29.14 20.64 -10.05
CA LEU B 308 29.20 21.40 -11.28
C LEU B 308 28.23 22.58 -11.25
N PRO B 309 28.51 23.64 -12.01
CA PRO B 309 27.66 24.83 -11.95
C PRO B 309 26.23 24.54 -12.35
N LEU B 310 25.32 25.35 -11.83
CA LEU B 310 23.89 25.21 -12.08
C LEU B 310 23.53 25.99 -13.33
N GLU B 311 23.16 25.28 -14.39
CA GLU B 311 22.81 25.93 -15.65
C GLU B 311 21.35 26.39 -15.60
N PRO B 312 21.07 27.67 -15.82
CA PRO B 312 19.68 28.16 -15.65
C PRO B 312 18.67 27.51 -16.58
N GLY B 313 19.09 27.07 -17.77
CA GLY B 313 18.19 26.51 -18.75
C GLY B 313 17.93 25.02 -18.65
N HIS B 314 18.59 24.33 -17.75
CA HIS B 314 18.35 22.91 -17.55
C HIS B 314 17.21 22.71 -16.56
N PRO B 315 16.54 21.56 -16.60
CA PRO B 315 15.39 21.36 -15.72
C PRO B 315 15.82 21.22 -14.27
N VAL B 316 15.02 21.77 -13.37
CA VAL B 316 15.19 21.47 -11.96
C VAL B 316 14.87 20.00 -11.76
N LYS B 317 15.77 19.29 -11.08
CA LYS B 317 15.67 17.85 -10.94
C LYS B 317 16.00 17.45 -9.51
N GLN B 318 15.62 16.22 -9.17
CA GLN B 318 15.85 15.65 -7.84
C GLN B 318 15.24 16.53 -6.75
N ILE B 319 13.95 16.84 -6.92
CA ILE B 319 13.19 17.61 -5.95
C ILE B 319 11.99 16.79 -5.52
N SER B 320 11.41 17.18 -4.39
CA SER B 320 10.27 16.49 -3.82
C SER B 320 8.97 17.05 -4.39
N TYR B 321 7.89 16.28 -4.19
CA TYR B 321 6.56 16.76 -4.57
C TYR B 321 6.24 18.07 -3.87
N TRP B 322 6.65 18.20 -2.60
CA TRP B 322 6.37 19.41 -1.84
C TRP B 322 7.13 20.60 -2.37
N GLU B 323 8.36 20.39 -2.86
CA GLU B 323 9.11 21.47 -3.46
C GLU B 323 8.44 21.94 -4.75
N ALA B 324 7.97 21.01 -5.57
CA ALA B 324 7.19 21.38 -6.76
C ALA B 324 5.88 22.03 -6.38
N GLU B 325 5.18 21.43 -5.40
CA GLU B 325 3.90 21.99 -4.93
C GLU B 325 4.04 23.43 -4.49
N ALA B 326 5.05 23.72 -3.67
CA ALA B 326 5.23 25.07 -3.16
C ALA B 326 5.59 26.04 -4.28
N PHE B 327 6.48 25.64 -5.19
CA PHE B 327 6.81 26.49 -6.32
C PHE B 327 5.56 26.84 -7.11
N CYS B 328 4.78 25.82 -7.49
CA CYS B 328 3.52 26.05 -8.19
C CYS B 328 2.65 27.07 -7.45
N ALA B 329 2.52 26.90 -6.13
CA ALA B 329 1.74 27.83 -5.32
C ALA B 329 2.32 29.23 -5.37
N TRP B 330 3.65 29.34 -5.31
CA TRP B 330 4.29 30.66 -5.37
C TRP B 330 4.19 31.24 -6.78
N ALA B 331 4.25 30.40 -7.80
CA ALA B 331 4.21 30.84 -9.18
C ALA B 331 2.80 31.11 -9.70
N GLY B 332 1.77 30.93 -8.88
CA GLY B 332 0.41 31.05 -9.38
C GLY B 332 0.06 30.00 -10.40
N ARG B 333 0.55 28.78 -10.20
CA ARG B 333 0.40 27.69 -11.15
C ARG B 333 0.00 26.43 -10.39
N ARG B 334 -0.26 25.35 -11.12
CA ARG B 334 -0.69 24.10 -10.51
C ARG B 334 -0.03 22.93 -11.20
N LEU B 335 0.17 21.86 -10.44
CA LEU B 335 0.68 20.62 -11.00
C LEU B 335 -0.40 19.95 -11.85
N PRO B 336 0.00 19.26 -12.91
CA PRO B 336 -1.00 18.59 -13.76
C PRO B 336 -1.53 17.33 -13.09
N SER B 337 -2.71 16.93 -13.53
CA SER B 337 -3.23 15.62 -13.19
C SER B 337 -2.61 14.58 -14.11
N GLU B 338 -2.38 13.37 -13.58
CA GLU B 338 -1.77 12.33 -14.40
C GLU B 338 -2.58 12.07 -15.66
N TYR B 339 -3.88 12.36 -15.62
CA TYR B 339 -4.72 12.24 -16.80
C TYR B 339 -4.55 13.43 -17.74
N GLU B 340 -4.46 14.65 -17.19
CA GLU B 340 -4.11 15.79 -18.02
C GLU B 340 -2.74 15.60 -18.68
N TRP B 341 -1.78 15.07 -17.93
CA TRP B 341 -0.44 14.85 -18.45
C TRP B 341 -0.46 13.92 -19.65
N GLU B 342 -1.12 12.76 -19.52
CA GLU B 342 -1.17 11.80 -20.61
C GLU B 342 -1.90 12.37 -21.83
N VAL B 343 -2.93 13.19 -21.59
CA VAL B 343 -3.64 13.83 -22.70
C VAL B 343 -2.72 14.80 -23.43
N ALA B 344 -1.91 15.56 -22.68
CA ALA B 344 -1.01 16.54 -23.27
C ALA B 344 0.25 15.94 -23.87
N ALA B 345 0.45 14.62 -23.76
CA ALA B 345 1.61 13.95 -24.32
C ALA B 345 1.28 13.07 -25.52
N LEU B 346 0.17 12.33 -25.44
CA LEU B 346 -0.19 11.38 -26.46
C LEU B 346 -1.41 11.79 -27.27
N ALA B 347 -2.21 12.73 -26.74
CA ALA B 347 -3.40 13.23 -27.43
C ALA B 347 -4.32 12.11 -27.90
N ASN B 348 -4.18 10.93 -27.29
CA ASN B 348 -4.97 9.78 -27.72
C ASN B 348 -6.43 10.01 -27.39
N LYS B 349 -7.28 9.90 -28.39
CA LYS B 349 -8.72 10.05 -28.29
C LYS B 349 -9.37 8.71 -28.64
N PRO B 350 -10.58 8.46 -28.15
CA PRO B 350 -11.21 7.16 -28.42
C PRO B 350 -11.71 7.08 -29.86
N GLY B 351 -11.49 5.92 -30.47
CA GLY B 351 -11.92 5.73 -31.87
C GLY B 351 -10.82 6.08 -32.84
N GLU B 352 -9.87 6.91 -32.42
CA GLU B 352 -8.81 7.36 -33.34
C GLU B 352 -7.59 6.45 -33.20
N GLU B 353 -6.40 6.98 -33.50
CA GLU B 353 -5.17 6.16 -33.41
C GLU B 353 -4.61 6.26 -31.99
N ARG B 354 -3.65 5.41 -31.68
CA ARG B 354 -3.06 5.40 -30.32
C ARG B 354 -1.54 5.46 -30.43
N ARG B 355 -0.95 6.52 -29.87
CA ARG B 355 0.55 6.62 -29.87
C ARG B 355 1.04 6.33 -28.46
N ARG B 356 2.03 5.44 -28.33
CA ARG B 356 2.62 5.15 -27.00
C ARG B 356 3.69 6.22 -26.71
N TYR B 357 4.13 6.93 -27.75
CA TYR B 357 5.17 7.97 -27.57
C TYR B 357 4.65 9.32 -28.09
N PRO B 358 4.97 10.44 -27.43
CA PRO B 358 4.47 11.74 -27.84
C PRO B 358 4.67 11.97 -29.35
N TRP B 359 5.68 11.34 -29.94
CA TRP B 359 5.98 11.51 -31.38
C TRP B 359 5.18 10.51 -32.21
N GLY B 360 5.21 9.23 -31.81
CA GLY B 360 4.49 8.20 -32.52
C GLY B 360 4.40 6.89 -31.75
N ASN B 361 4.70 5.78 -32.42
CA ASN B 361 4.73 4.47 -31.78
C ASN B 361 6.05 3.75 -31.95
N GLU B 362 7.08 4.44 -32.44
CA GLU B 362 8.39 3.85 -32.71
C GLU B 362 9.45 4.57 -31.91
N MET B 363 10.21 3.82 -31.11
CA MET B 363 11.18 4.46 -30.20
C MET B 363 12.51 4.76 -30.89
N ASP B 364 12.88 6.03 -30.95
CA ASP B 364 14.23 6.38 -31.47
C ASP B 364 14.94 6.96 -30.25
N PRO B 365 15.88 6.23 -29.62
CA PRO B 365 16.50 6.70 -28.37
C PRO B 365 17.19 8.07 -28.44
N ALA B 366 16.92 8.85 -29.49
CA ALA B 366 17.56 10.17 -29.66
C ALA B 366 16.51 11.27 -29.55
N LYS B 367 15.31 10.90 -29.12
CA LYS B 367 14.25 11.91 -28.92
C LYS B 367 13.97 12.06 -27.42
N LEU B 368 14.85 11.56 -26.57
CA LEU B 368 14.58 11.59 -25.11
C LEU B 368 15.90 11.47 -24.32
N ASP B 369 16.04 12.24 -23.25
CA ASP B 369 17.22 12.07 -22.40
C ASP B 369 16.92 10.91 -21.46
N MET B 370 17.26 9.70 -21.91
CA MET B 370 17.07 8.50 -21.11
C MET B 370 18.22 7.57 -21.45
N ASP B 371 18.10 6.30 -21.06
CA ASP B 371 19.09 5.27 -21.40
C ASP B 371 20.41 5.63 -20.74
N GLN B 372 20.32 6.26 -19.57
CA GLN B 372 21.46 6.58 -18.72
C GLN B 372 22.61 7.35 -19.36
N ARG B 373 22.32 8.54 -19.89
CA ARG B 373 23.33 9.28 -20.62
C ARG B 373 23.59 10.71 -20.13
N TYR B 374 22.84 11.67 -20.65
CA TYR B 374 23.08 13.08 -20.32
C TYR B 374 22.73 13.41 -18.88
N MET B 375 21.95 12.56 -18.21
CA MET B 375 21.63 12.72 -16.80
C MET B 375 20.99 14.07 -16.50
N GLY B 376 19.99 14.43 -17.30
CA GLY B 376 19.15 15.57 -17.02
C GLY B 376 19.74 16.93 -17.30
N ARG B 377 21.05 17.04 -17.53
CA ARG B 377 21.68 18.33 -17.84
C ARG B 377 21.48 18.66 -19.32
N VAL B 378 20.22 18.67 -19.75
CA VAL B 378 19.88 19.05 -21.12
C VAL B 378 18.98 20.27 -21.05
N PRO B 379 18.92 21.06 -22.13
CA PRO B 379 18.01 22.21 -22.14
C PRO B 379 16.55 21.77 -22.12
N VAL B 380 15.70 22.65 -21.58
CA VAL B 380 14.29 22.33 -21.46
C VAL B 380 13.59 22.39 -22.81
N THR B 381 14.11 23.21 -23.73
CA THR B 381 13.54 23.34 -25.08
C THR B 381 14.30 22.50 -26.09
N ALA B 382 14.71 21.29 -25.71
CA ALA B 382 15.48 20.42 -26.56
C ALA B 382 14.61 19.28 -27.08
N PHE B 383 15.26 18.28 -27.66
CA PHE B 383 14.64 17.10 -28.25
C PHE B 383 13.35 17.44 -29.01
N PRO B 384 13.43 18.32 -30.01
CA PRO B 384 12.21 18.73 -30.71
C PRO B 384 11.53 17.61 -31.47
N ALA B 385 12.23 16.51 -31.74
CA ALA B 385 11.60 15.35 -32.35
C ALA B 385 10.72 14.59 -31.36
N GLY B 386 10.90 14.83 -30.06
CA GLY B 386 10.05 14.23 -29.04
C GLY B 386 8.87 15.07 -28.64
N GLU B 387 8.62 16.17 -29.34
CA GLU B 387 7.49 17.05 -29.04
C GLU B 387 6.18 16.26 -29.02
N SER B 388 5.28 16.69 -28.15
CA SER B 388 3.94 16.12 -28.09
C SER B 388 3.08 16.78 -29.17
N PRO B 389 1.90 16.22 -29.45
CA PRO B 389 1.02 16.83 -30.46
C PRO B 389 0.60 18.26 -30.13
N PHE B 390 0.86 18.71 -28.91
CA PHE B 390 0.59 20.07 -28.50
C PHE B 390 1.78 21.02 -28.36
N GLY B 391 3.00 20.53 -28.58
CA GLY B 391 4.21 21.34 -28.44
C GLY B 391 5.02 21.07 -27.19
N CYS B 392 4.57 20.15 -26.32
CA CYS B 392 5.26 19.89 -25.07
C CYS B 392 6.56 19.13 -25.33
N ARG B 393 7.68 19.70 -24.87
CA ARG B 393 9.00 19.15 -25.14
C ARG B 393 9.50 18.37 -23.93
N GLN B 394 10.08 17.19 -24.19
CA GLN B 394 10.69 16.35 -23.17
C GLN B 394 9.68 15.80 -22.18
N MET B 395 8.46 15.56 -22.61
CA MET B 395 7.47 14.86 -21.79
C MET B 395 8.06 13.53 -21.37
N LEU B 396 8.22 12.63 -22.33
CA LEU B 396 8.76 11.27 -22.03
C LEU B 396 10.29 11.36 -21.98
N GLY B 397 10.87 11.34 -20.77
CA GLY B 397 12.34 11.38 -20.63
C GLY B 397 12.80 12.51 -19.75
N THR B 398 14.13 12.69 -19.63
CA THR B 398 14.72 13.76 -18.78
C THR B 398 14.47 13.47 -17.30
N VAL B 399 13.27 13.78 -16.78
CA VAL B 399 13.02 13.59 -15.31
C VAL B 399 11.59 13.09 -15.07
N TRP B 400 11.41 12.24 -14.07
CA TRP B 400 10.04 11.76 -13.72
C TRP B 400 9.20 12.96 -13.29
N GLU B 401 8.13 13.25 -14.03
CA GLU B 401 7.35 14.45 -13.73
C GLU B 401 6.32 14.17 -12.64
N TRP B 402 6.36 14.98 -11.58
CA TRP B 402 5.38 14.87 -10.49
C TRP B 402 3.98 15.23 -11.01
N THR B 403 3.02 14.35 -10.76
CA THR B 403 1.62 14.71 -10.98
C THR B 403 0.95 14.96 -9.63
N GLY B 404 -0.19 15.64 -9.69
CA GLY B 404 -0.95 15.93 -8.50
C GLY B 404 -1.77 14.78 -7.97
N ASN B 405 -1.76 13.64 -8.64
CA ASN B 405 -2.56 12.49 -8.26
C ASN B 405 -1.76 11.53 -7.41
N GLN B 406 -2.45 10.78 -6.57
CA GLN B 406 -1.84 9.71 -5.80
C GLN B 406 -1.94 8.42 -6.58
N PHE B 407 -0.88 7.60 -6.49
CA PHE B 407 -0.86 6.32 -7.18
C PHE B 407 -2.03 5.47 -6.72
N MET B 408 -3.02 5.29 -7.59
CA MET B 408 -4.23 4.57 -7.26
C MET B 408 -4.58 3.61 -8.39
N PRO B 409 -5.24 2.50 -8.07
CA PRO B 409 -5.62 1.55 -9.12
C PRO B 409 -6.65 2.15 -10.07
N TYR B 410 -6.53 1.81 -11.34
CA TYR B 410 -7.56 2.15 -12.31
C TYR B 410 -8.78 1.29 -12.05
N ASP B 411 -9.98 1.87 -12.22
CA ASP B 411 -11.22 1.15 -12.00
C ASP B 411 -11.29 -0.06 -12.93
N GLY B 412 -11.25 -1.26 -12.36
CA GLY B 412 -11.09 -2.48 -13.11
C GLY B 412 -9.71 -3.12 -12.98
N PHE B 413 -8.86 -2.59 -12.10
CA PHE B 413 -7.49 -3.06 -11.94
C PHE B 413 -7.42 -4.56 -11.71
N SER B 414 -6.44 -5.20 -12.34
CA SER B 414 -6.14 -6.61 -12.15
C SER B 414 -4.64 -6.75 -11.97
N VAL B 415 -4.24 -7.59 -11.01
CA VAL B 415 -2.78 -7.73 -10.70
C VAL B 415 -2.08 -8.48 -11.83
N ASP B 416 -0.76 -8.31 -11.91
CA ASP B 416 0.03 -8.99 -12.95
C ASP B 416 0.62 -10.26 -12.35
N MET B 417 1.32 -11.06 -13.17
CA MET B 417 2.00 -12.26 -12.65
C MET B 417 2.78 -11.82 -11.41
N TYR B 418 3.55 -10.74 -11.50
CA TYR B 418 4.20 -10.17 -10.29
C TYR B 418 3.12 -9.32 -9.64
N PRO B 419 2.44 -9.80 -8.58
CA PRO B 419 1.29 -9.08 -8.05
C PRO B 419 1.73 -7.87 -7.21
N PHE B 420 3.03 -7.71 -7.04
CA PHE B 420 3.54 -6.64 -6.19
C PHE B 420 4.11 -5.49 -7.00
N MET B 421 3.80 -5.43 -8.29
CA MET B 421 4.28 -4.34 -9.13
C MET B 421 3.73 -3.00 -8.67
N SER B 422 2.43 -2.95 -8.36
CA SER B 422 1.79 -1.71 -7.95
C SER B 422 1.14 -1.79 -6.58
N THR B 423 0.85 -2.98 -6.06
CA THR B 423 0.04 -3.12 -4.85
C THR B 423 0.74 -2.63 -3.59
N LEU B 424 2.05 -2.41 -3.63
CA LEU B 424 2.80 -1.96 -2.46
C LEU B 424 2.99 -0.46 -2.42
N GLN B 425 2.67 0.26 -3.50
CA GLN B 425 2.91 1.69 -3.59
C GLN B 425 1.64 2.52 -3.71
N PHE B 426 0.47 1.87 -3.65
CA PHE B 426 -0.79 2.60 -3.78
C PHE B 426 -0.97 3.59 -2.64
N ALA B 427 -1.60 4.72 -2.95
CA ALA B 427 -2.07 5.70 -1.98
C ALA B 427 -0.95 6.45 -1.27
N THR B 428 0.04 5.74 -0.73
CA THR B 428 1.14 6.41 -0.05
C THR B 428 2.06 7.13 -1.03
N HIS B 429 2.07 6.73 -2.30
CA HIS B 429 2.94 7.31 -3.31
C HIS B 429 2.16 8.22 -4.25
N LYS B 430 2.87 9.19 -4.81
CA LYS B 430 2.33 10.04 -5.86
C LYS B 430 2.72 9.45 -7.22
N THR B 431 1.91 9.78 -8.23
CA THR B 431 2.15 9.27 -9.57
C THR B 431 3.11 10.19 -10.32
N THR B 432 4.24 9.66 -10.75
CA THR B 432 5.11 10.37 -11.68
C THR B 432 4.99 9.75 -13.06
N LYS B 433 5.24 10.57 -14.08
CA LYS B 433 5.05 10.15 -15.46
C LYS B 433 6.22 10.64 -16.31
N GLY B 434 6.40 9.98 -17.46
CA GLY B 434 7.34 10.46 -18.46
C GLY B 434 8.51 9.51 -18.62
N GLY B 435 9.41 9.51 -17.66
CA GLY B 435 10.68 8.79 -17.79
C GLY B 435 11.73 9.76 -17.26
N GLY B 436 12.80 9.20 -16.71
CA GLY B 436 13.87 9.98 -16.15
C GLY B 436 15.19 9.67 -16.84
N CYS B 437 16.19 10.50 -16.56
CA CYS B 437 17.49 10.35 -17.19
C CYS B 437 18.02 8.94 -17.01
N ALA B 438 17.84 8.37 -15.82
CA ALA B 438 18.37 7.06 -15.48
C ALA B 438 17.44 5.92 -15.87
N ALA B 439 16.31 6.20 -16.51
CA ALA B 439 15.43 5.13 -16.99
C ALA B 439 15.86 4.68 -18.38
N SER B 440 15.33 3.54 -18.81
CA SER B 440 15.71 2.94 -20.09
C SER B 440 14.58 3.06 -21.09
N SER B 441 14.91 3.49 -22.31
CA SER B 441 13.88 3.76 -23.31
C SER B 441 13.09 2.52 -23.69
N MET B 442 13.57 1.33 -23.33
CA MET B 442 12.87 0.11 -23.72
C MET B 442 11.52 0.00 -23.02
N LEU B 443 11.47 0.34 -21.75
CA LEU B 443 10.26 0.16 -20.96
C LEU B 443 9.33 1.37 -20.98
N ILE B 444 9.77 2.50 -21.51
CA ILE B 444 9.01 3.73 -21.36
C ILE B 444 7.76 3.71 -22.23
N ARG B 445 6.77 4.48 -21.81
CA ARG B 445 5.47 4.58 -22.46
C ARG B 445 4.79 5.83 -21.93
N GLY B 446 3.88 6.37 -22.76
CA GLY B 446 3.07 7.49 -22.31
C GLY B 446 2.06 7.08 -21.25
N THR B 447 1.63 5.83 -21.29
CA THR B 447 0.71 5.28 -20.30
C THR B 447 1.43 4.85 -19.01
N TYR B 448 2.75 5.01 -18.98
CA TYR B 448 3.54 4.56 -17.84
C TYR B 448 3.19 5.34 -16.58
N ARG B 449 3.28 4.65 -15.45
CA ARG B 449 3.03 5.25 -14.15
C ARG B 449 4.09 4.73 -13.19
N GLN B 450 4.94 5.65 -12.71
CA GLN B 450 5.98 5.31 -11.75
C GLN B 450 5.65 6.00 -10.43
N ALA B 451 5.42 5.20 -9.39
CA ALA B 451 5.04 5.74 -8.09
C ALA B 451 6.28 6.12 -7.31
N TYR B 452 6.29 7.34 -6.79
CA TYR B 452 7.35 7.83 -5.92
C TYR B 452 6.73 8.44 -4.68
N HIS B 453 7.38 8.24 -3.54
CA HIS B 453 6.90 8.84 -2.30
C HIS B 453 7.17 10.34 -2.33
N PRO B 454 6.21 11.17 -1.95
CA PRO B 454 6.36 12.62 -2.14
C PRO B 454 7.60 13.24 -1.48
N ASP B 455 8.12 12.62 -0.42
CA ASP B 455 9.21 13.25 0.33
C ASP B 455 10.58 13.04 -0.30
N ARG B 456 10.66 12.29 -1.40
CA ARG B 456 11.95 11.82 -1.91
C ARG B 456 12.64 12.89 -2.76
N CYS B 457 13.91 13.16 -2.45
CA CYS B 457 14.78 13.94 -3.32
C CYS B 457 15.90 13.10 -3.92
N ASP B 458 15.83 11.77 -3.79
CA ASP B 458 16.90 10.91 -4.25
C ASP B 458 16.62 10.27 -5.61
N VAL B 459 15.42 10.48 -6.16
CA VAL B 459 15.09 10.00 -7.47
C VAL B 459 15.18 11.16 -8.45
N TYR B 460 15.16 10.85 -9.75
CA TYR B 460 15.30 11.88 -10.78
C TYR B 460 13.91 12.38 -11.16
N THR B 461 13.40 13.29 -10.33
CA THR B 461 12.07 13.85 -10.47
C THR B 461 12.14 15.33 -10.83
N GLY B 462 11.13 15.78 -11.57
CA GLY B 462 10.97 17.17 -11.94
C GLY B 462 9.51 17.46 -12.21
N PHE B 463 9.20 18.62 -12.80
CA PHE B 463 7.80 18.93 -13.03
C PHE B 463 7.66 20.06 -14.05
N ARG B 464 6.55 20.03 -14.77
CA ARG B 464 6.02 21.16 -15.51
C ARG B 464 4.73 21.62 -14.85
N THR B 465 4.40 22.89 -15.02
CA THR B 465 3.26 23.50 -14.35
C THR B 465 2.10 23.72 -15.30
N CYS B 466 0.90 23.67 -14.75
CA CYS B 466 -0.34 23.97 -15.45
C CYS B 466 -0.87 25.32 -14.98
N ALA B 467 -1.74 25.91 -15.80
CA ALA B 467 -2.37 27.17 -15.44
C ALA B 467 -3.53 26.90 -14.49
N LEU B 468 -3.68 27.78 -13.51
CA LEU B 468 -4.75 27.67 -12.54
C LEU B 468 -6.10 27.71 -13.26
N SER B 469 -6.98 26.77 -12.92
CA SER B 469 -8.26 26.68 -13.61
C SER B 469 -9.24 27.73 -13.08
N SER B 470 -10.36 27.85 -13.76
CA SER B 470 -11.39 28.81 -13.38
C SER B 470 -12.78 28.30 -13.74
FE FE C . -10.72 5.81 10.11
NA NA D . -14.55 -15.58 13.76
C FMT E . 2.05 -5.61 21.60
O1 FMT E . 0.88 -5.57 21.95
O2 FMT E . 2.94 -4.91 22.08
C FMT F . -21.38 6.75 -4.18
O1 FMT F . -20.16 6.63 -4.02
O2 FMT F . -21.97 7.83 -4.11
N HIS G . -8.93 -0.56 6.04
CA HIS G . -9.00 0.35 7.22
C HIS G . -8.42 -0.38 8.42
O HIS G . -7.79 0.25 9.26
CB HIS G . -10.43 0.81 7.46
CG HIS G . -10.59 1.76 8.59
ND1 HIS G . -10.67 1.34 9.90
CD2 HIS G . -10.66 3.09 8.63
CE1 HIS G . -10.79 2.39 10.69
NE2 HIS G . -10.79 3.46 9.94
OXT HIS G . -8.63 -1.60 8.49
FE FE H . 12.72 -5.59 -8.22
NA NA I . 9.74 14.24 -18.57
N HIS J . 6.71 -0.58 -8.50
CA HIS J . 8.09 -1.07 -8.24
C HIS J . 8.98 0.12 -7.93
O HIS J . 8.74 1.17 -8.54
CB HIS J . 8.60 -1.87 -9.43
CG HIS J . 9.96 -2.44 -9.24
ND1 HIS J . 11.10 -1.71 -9.45
CD2 HIS J . 10.37 -3.66 -8.85
CE1 HIS J . 12.16 -2.47 -9.21
NE2 HIS J . 11.74 -3.66 -8.84
OXT HIS J . 9.89 0.01 -7.13
#